data_3MTG
#
_entry.id   3MTG
#
_cell.length_a   186.240
_cell.length_b   68.600
_cell.length_c   90.370
_cell.angle_alpha   90.00
_cell.angle_beta   115.27
_cell.angle_gamma   90.00
#
_symmetry.space_group_name_H-M   'C 1 2 1'
#
loop_
_entity.id
_entity.type
_entity.pdbx_description
1 polymer 'Putative adenosylhomocysteinase 2'
2 non-polymer NICOTINAMIDE-ADENINE-DINUCLEOTIDE
3 water water
#
_entity_poly.entity_id   1
_entity_poly.type   'polypeptide(L)'
_entity_poly.pdbx_seq_one_letter_code
;SMVSPREKQQTNSKGSSNFCVKNIKQAEFGRREIEIAEQDMSALISLRKRAQGEKPLAGAKIVGCTHITAQTAVLIETLC
ALGAQCRWSACNIYSTQNEVAAALAEAGVAVFAWKGESEDDFWWCIDRCVNMDGWQANMILDDGGDLTHWVYKKYPNVFK
KIRGIVEESVTGVHRLYQLSKAGKLCVPAMNVNDSVTKQKFDNLYCCRESILDGLKRTTDVMFGGKQVVVCGYGEVGKGC
CAALKALGAIVYITEIDPICALQACMDGFRVVKLNEVIRQVDVVITCTGNKNVVTREHLDRMKNSCIVCNMGHSNTEIDV
TSLRTPELTWERVRSQVDHVIWPDGKRVVLLAEGRLLNLSCSTVPTFVLSITATTQALALIELYNAPEGRYKQDVYLLPK
KMDEYVASLHLPSFDAHLTELADDQAKYLGLNKNGPFKPNYYRY
;
_entity_poly.pdbx_strand_id   A,B
#
# COMPACT_ATOMS: atom_id res chain seq x y z
N GLY A 15 10.06 -47.48 -15.13
CA GLY A 15 9.28 -48.65 -14.73
C GLY A 15 8.20 -48.36 -13.71
N SER A 16 8.22 -47.16 -13.10
CA SER A 16 7.27 -46.68 -12.10
C SER A 16 5.83 -46.57 -12.66
N SER A 17 4.85 -46.84 -11.77
CA SER A 17 3.42 -46.77 -12.03
C SER A 17 2.76 -45.71 -11.10
N ASN A 18 3.58 -45.00 -10.29
CA ASN A 18 3.13 -44.00 -9.32
C ASN A 18 2.78 -42.67 -10.00
N PHE A 19 1.61 -42.66 -10.65
CA PHE A 19 1.00 -41.56 -11.40
C PHE A 19 -0.28 -42.03 -12.07
N CYS A 20 -1.20 -41.11 -12.37
CA CYS A 20 -2.41 -41.46 -13.13
C CYS A 20 -2.70 -40.38 -14.14
N VAL A 21 -2.31 -40.68 -15.38
CA VAL A 21 -2.49 -39.80 -16.53
C VAL A 21 -3.06 -40.60 -17.73
N LYS A 22 -3.70 -39.89 -18.65
CA LYS A 22 -4.30 -40.44 -19.85
C LYS A 22 -3.25 -40.62 -20.90
N ASN A 23 -2.06 -40.18 -20.61
CA ASN A 23 -1.05 -39.94 -21.61
C ASN A 23 -0.21 -41.09 -22.07
N ILE A 24 -0.65 -41.63 -23.22
CA ILE A 24 -0.11 -42.82 -23.83
C ILE A 24 1.12 -42.56 -24.67
N LYS A 25 2.20 -42.33 -23.96
CA LYS A 25 3.52 -41.92 -24.46
C LYS A 25 3.48 -40.48 -25.04
N GLN A 26 2.82 -39.57 -24.31
CA GLN A 26 2.70 -38.15 -24.64
C GLN A 26 3.87 -37.31 -24.05
N ALA A 27 4.81 -37.98 -23.33
CA ALA A 27 5.95 -37.38 -22.62
C ALA A 27 6.90 -36.56 -23.52
N GLU A 28 7.39 -37.15 -24.65
CA GLU A 28 8.34 -36.50 -25.57
C GLU A 28 7.81 -35.15 -26.02
N PHE A 29 6.53 -35.11 -26.45
CA PHE A 29 5.83 -33.91 -26.91
C PHE A 29 5.63 -32.91 -25.75
N GLY A 30 5.21 -33.41 -24.59
CA GLY A 30 4.96 -32.61 -23.39
C GLY A 30 6.20 -31.95 -22.83
N ARG A 31 7.34 -32.65 -22.91
CA ARG A 31 8.64 -32.17 -22.44
C ARG A 31 9.06 -30.95 -23.25
N ARG A 32 8.75 -30.94 -24.56
CA ARG A 32 9.02 -29.81 -25.47
C ARG A 32 8.29 -28.54 -25.02
N GLU A 33 7.07 -28.70 -24.44
CA GLU A 33 6.22 -27.62 -23.95
C GLU A 33 6.80 -27.03 -22.66
N ILE A 34 7.39 -27.87 -21.81
CA ILE A 34 8.04 -27.42 -20.58
C ILE A 34 9.31 -26.68 -21.02
N GLU A 35 10.06 -27.23 -22.01
CA GLU A 35 11.27 -26.63 -22.58
C GLU A 35 10.98 -25.25 -23.11
N ILE A 36 9.82 -25.09 -23.82
CA ILE A 36 9.34 -23.80 -24.36
C ILE A 36 9.00 -22.84 -23.19
N ALA A 37 8.27 -23.35 -22.16
CA ALA A 37 7.86 -22.62 -20.96
C ALA A 37 9.06 -22.12 -20.14
N GLU A 38 10.07 -22.99 -19.93
CA GLU A 38 11.31 -22.70 -19.18
C GLU A 38 12.07 -21.45 -19.71
N GLN A 39 11.85 -21.07 -20.97
CA GLN A 39 12.42 -19.87 -21.60
C GLN A 39 11.68 -18.60 -21.16
N ASP A 40 10.42 -18.78 -20.72
CA ASP A 40 9.53 -17.72 -20.24
C ASP A 40 9.51 -17.70 -18.70
N MET A 41 9.86 -18.82 -18.04
CA MET A 41 9.98 -18.93 -16.58
C MET A 41 11.45 -18.79 -16.17
N SER A 42 12.26 -18.01 -16.94
CA SER A 42 13.70 -17.77 -16.70
C SER A 42 14.05 -17.39 -15.25
N ALA A 43 13.11 -16.74 -14.52
CA ALA A 43 13.26 -16.33 -13.14
C ALA A 43 13.20 -17.54 -12.21
N LEU A 44 12.44 -18.59 -12.58
CA LEU A 44 12.36 -19.83 -11.79
C LEU A 44 13.58 -20.71 -12.03
N ILE A 45 14.08 -20.75 -13.28
CA ILE A 45 15.28 -21.50 -13.64
C ILE A 45 16.46 -20.90 -12.86
N SER A 46 16.48 -19.57 -12.68
CA SER A 46 17.52 -18.89 -11.89
C SER A 46 17.39 -19.29 -10.41
N LEU A 47 16.17 -19.24 -9.81
CA LEU A 47 15.90 -19.66 -8.43
C LEU A 47 16.27 -21.13 -8.23
N ARG A 48 16.10 -21.94 -9.28
CA ARG A 48 16.49 -23.35 -9.34
C ARG A 48 18.01 -23.42 -9.26
N LYS A 49 18.71 -22.85 -10.26
CA LYS A 49 20.17 -22.77 -10.41
C LYS A 49 20.89 -22.19 -9.18
N ARG A 50 20.35 -21.12 -8.58
CA ARG A 50 20.99 -20.43 -7.45
C ARG A 50 20.91 -21.22 -6.14
N ALA A 51 19.82 -21.97 -5.91
CA ALA A 51 19.65 -22.71 -4.65
C ALA A 51 19.90 -24.23 -4.78
N GLN A 52 20.15 -24.77 -6.00
CA GLN A 52 20.45 -26.21 -6.21
C GLN A 52 21.79 -26.60 -5.57
N GLY A 53 21.92 -27.87 -5.22
CA GLY A 53 23.13 -28.36 -4.56
C GLY A 53 23.11 -28.07 -3.07
N GLU A 54 22.35 -27.02 -2.69
CA GLU A 54 22.16 -26.61 -1.30
C GLU A 54 20.84 -27.20 -0.81
N LYS A 55 20.08 -27.84 -1.74
CA LYS A 55 18.78 -28.52 -1.60
C LYS A 55 17.98 -28.00 -0.37
N PRO A 56 17.40 -26.78 -0.45
CA PRO A 56 16.67 -26.23 0.72
C PRO A 56 15.35 -26.95 1.02
N LEU A 57 14.89 -27.80 0.09
CA LEU A 57 13.65 -28.55 0.26
C LEU A 57 13.94 -30.06 0.42
N ALA A 58 15.21 -30.42 0.72
CA ALA A 58 15.56 -31.82 0.93
C ALA A 58 14.88 -32.33 2.21
N GLY A 59 13.96 -33.26 2.01
CA GLY A 59 13.14 -33.84 3.07
C GLY A 59 11.72 -33.34 3.07
N ALA A 60 11.39 -32.38 2.19
CA ALA A 60 10.03 -31.86 2.08
C ALA A 60 9.20 -32.85 1.30
N LYS A 61 8.01 -33.17 1.83
CA LYS A 61 7.06 -34.07 1.19
C LYS A 61 5.83 -33.22 0.88
N ILE A 62 5.79 -32.69 -0.36
CA ILE A 62 4.75 -31.76 -0.79
C ILE A 62 3.59 -32.45 -1.60
N VAL A 63 2.37 -32.14 -1.13
CA VAL A 63 1.07 -32.52 -1.65
C VAL A 63 0.52 -31.23 -2.29
N GLY A 64 0.37 -31.24 -3.62
CA GLY A 64 -0.06 -30.09 -4.40
C GLY A 64 -1.39 -30.22 -5.13
N CYS A 65 -2.10 -29.08 -5.28
CA CYS A 65 -3.40 -28.96 -5.97
C CYS A 65 -3.51 -27.59 -6.65
N THR A 66 -3.12 -27.55 -7.94
CA THR A 66 -3.07 -26.39 -8.87
C THR A 66 -3.38 -26.84 -10.29
N HIS A 67 -3.54 -25.91 -11.25
CA HIS A 67 -3.70 -26.20 -12.66
C HIS A 67 -2.44 -26.92 -13.19
N ILE A 68 -2.59 -27.95 -14.04
CA ILE A 68 -1.41 -28.59 -14.62
C ILE A 68 -1.18 -28.02 -16.04
N THR A 69 -0.28 -27.04 -16.14
CA THR A 69 0.11 -26.40 -17.40
C THR A 69 1.63 -26.46 -17.52
N ALA A 70 2.18 -26.14 -18.71
CA ALA A 70 3.63 -26.12 -18.93
C ALA A 70 4.33 -25.09 -18.02
N GLN A 71 3.60 -24.04 -17.55
CA GLN A 71 4.15 -23.05 -16.63
C GLN A 71 4.22 -23.67 -15.24
N THR A 72 3.09 -24.18 -14.71
CA THR A 72 3.05 -24.84 -13.37
C THR A 72 4.13 -25.94 -13.30
N ALA A 73 4.25 -26.79 -14.35
CA ALA A 73 5.25 -27.86 -14.43
C ALA A 73 6.66 -27.37 -14.11
N VAL A 74 7.00 -26.14 -14.52
CA VAL A 74 8.31 -25.54 -14.22
C VAL A 74 8.40 -25.33 -12.69
N LEU A 75 7.29 -24.94 -12.01
CA LEU A 75 7.31 -24.78 -10.56
C LEU A 75 7.48 -26.15 -9.86
N ILE A 76 6.64 -27.14 -10.22
CA ILE A 76 6.70 -28.51 -9.68
C ILE A 76 8.13 -29.10 -9.79
N GLU A 77 8.82 -28.82 -10.92
CA GLU A 77 10.16 -29.33 -11.22
C GLU A 77 11.23 -28.54 -10.46
N THR A 78 11.01 -27.23 -10.22
CA THR A 78 11.95 -26.44 -9.42
C THR A 78 11.95 -27.01 -7.99
N LEU A 79 10.76 -27.36 -7.46
CA LEU A 79 10.59 -27.98 -6.13
C LEU A 79 11.33 -29.33 -6.07
N CYS A 80 11.14 -30.20 -7.10
CA CYS A 80 11.80 -31.51 -7.20
C CYS A 80 13.34 -31.32 -7.33
N ALA A 81 13.80 -30.24 -7.99
CA ALA A 81 15.21 -29.88 -8.20
C ALA A 81 15.85 -29.31 -6.90
N LEU A 82 15.00 -28.79 -5.99
CA LEU A 82 15.48 -28.24 -4.72
C LEU A 82 15.44 -29.30 -3.61
N GLY A 83 15.25 -30.57 -4.02
CA GLY A 83 15.27 -31.72 -3.13
C GLY A 83 13.92 -32.28 -2.72
N ALA A 84 12.83 -31.52 -2.94
CA ALA A 84 11.47 -31.91 -2.56
C ALA A 84 10.96 -33.16 -3.31
N GLN A 85 10.01 -33.86 -2.70
CA GLN A 85 9.32 -35.01 -3.28
C GLN A 85 7.87 -34.60 -3.38
N CYS A 86 7.36 -34.56 -4.62
CA CYS A 86 6.05 -34.03 -4.94
C CYS A 86 5.01 -35.12 -5.26
N ARG A 87 3.72 -34.82 -4.99
CA ARG A 87 2.52 -35.65 -5.28
C ARG A 87 1.42 -34.67 -5.65
N TRP A 88 1.16 -34.52 -6.97
CA TRP A 88 0.30 -33.48 -7.52
C TRP A 88 -1.12 -33.88 -7.97
N SER A 89 -2.02 -32.87 -7.90
CA SER A 89 -3.44 -32.90 -8.26
C SER A 89 -3.84 -31.61 -9.01
N ALA A 90 -4.96 -31.67 -9.75
CA ALA A 90 -5.49 -30.50 -10.49
C ALA A 90 -6.58 -29.80 -9.66
N CYS A 91 -6.56 -28.46 -9.63
CA CYS A 91 -7.55 -27.69 -8.86
C CYS A 91 -8.85 -27.49 -9.67
N ASN A 92 -8.82 -27.84 -10.98
CA ASN A 92 -9.95 -27.75 -11.89
C ASN A 92 -10.09 -29.07 -12.69
N ILE A 93 -11.33 -29.40 -13.08
CA ILE A 93 -11.67 -30.63 -13.84
C ILE A 93 -11.50 -30.45 -15.37
N TYR A 94 -11.09 -29.25 -15.83
CA TYR A 94 -10.92 -28.92 -17.26
C TYR A 94 -9.54 -28.38 -17.64
N SER A 95 -8.84 -27.74 -16.67
CA SER A 95 -7.60 -26.98 -16.87
C SER A 95 -6.34 -27.78 -17.23
N THR A 96 -6.36 -29.11 -17.05
CA THR A 96 -5.16 -29.96 -17.23
C THR A 96 -4.70 -30.10 -18.68
N GLN A 97 -3.42 -29.72 -18.92
CA GLN A 97 -2.73 -29.94 -20.19
C GLN A 97 -2.09 -31.31 -20.00
N ASN A 98 -2.74 -32.34 -20.55
CA ASN A 98 -2.37 -33.75 -20.45
C ASN A 98 -0.90 -34.02 -20.83
N GLU A 99 -0.42 -33.43 -21.93
CA GLU A 99 0.93 -33.60 -22.48
C GLU A 99 2.04 -33.37 -21.43
N VAL A 100 1.93 -32.27 -20.64
CA VAL A 100 2.89 -31.92 -19.60
C VAL A 100 2.75 -32.92 -18.43
N ALA A 101 1.50 -33.32 -18.09
CA ALA A 101 1.23 -34.34 -17.06
C ALA A 101 1.99 -35.65 -17.37
N ALA A 102 2.19 -35.97 -18.66
CA ALA A 102 2.96 -37.16 -19.08
C ALA A 102 4.44 -36.97 -18.84
N ALA A 103 5.02 -35.86 -19.37
CA ALA A 103 6.44 -35.51 -19.24
C ALA A 103 6.85 -35.51 -17.78
N LEU A 104 5.97 -35.04 -16.86
CA LEU A 104 6.19 -34.99 -15.40
C LEU A 104 6.20 -36.40 -14.80
N ALA A 105 5.23 -37.25 -15.20
CA ALA A 105 5.11 -38.63 -14.72
C ALA A 105 6.35 -39.42 -15.12
N GLU A 106 6.80 -39.22 -16.38
CA GLU A 106 8.02 -39.79 -16.97
C GLU A 106 9.27 -39.19 -16.27
N ALA A 107 9.21 -37.91 -15.80
CA ALA A 107 10.31 -37.26 -15.08
C ALA A 107 10.47 -37.82 -13.64
N GLY A 108 9.42 -38.49 -13.14
CA GLY A 108 9.39 -39.08 -11.81
C GLY A 108 8.40 -38.46 -10.84
N VAL A 109 7.81 -37.29 -11.18
CA VAL A 109 6.80 -36.59 -10.35
C VAL A 109 5.53 -37.48 -10.27
N ALA A 110 4.92 -37.60 -9.09
CA ALA A 110 3.71 -38.40 -8.90
C ALA A 110 2.49 -37.53 -9.23
N VAL A 111 2.24 -37.35 -10.53
CA VAL A 111 1.13 -36.51 -10.98
C VAL A 111 -0.12 -37.39 -11.16
N PHE A 112 -1.28 -36.88 -10.69
CA PHE A 112 -2.54 -37.60 -10.75
C PHE A 112 -3.64 -36.69 -11.35
N ALA A 113 -3.59 -36.44 -12.67
CA ALA A 113 -4.53 -35.51 -13.30
C ALA A 113 -4.63 -35.67 -14.84
N TRP A 114 -5.77 -35.25 -15.41
CA TRP A 114 -6.12 -35.27 -16.84
C TRP A 114 -7.28 -34.32 -17.10
N LYS A 115 -7.47 -33.92 -18.36
CA LYS A 115 -8.58 -33.08 -18.78
C LYS A 115 -9.85 -33.96 -18.85
N GLY A 116 -10.98 -33.38 -18.44
CA GLY A 116 -12.26 -34.07 -18.50
C GLY A 116 -12.55 -34.97 -17.33
N GLU A 117 -12.39 -34.45 -16.12
CA GLU A 117 -12.66 -35.15 -14.87
C GLU A 117 -14.10 -34.94 -14.46
N SER A 118 -14.65 -35.89 -13.73
CA SER A 118 -15.97 -35.78 -13.12
C SER A 118 -15.75 -35.26 -11.70
N GLU A 119 -16.84 -34.92 -10.98
CA GLU A 119 -16.72 -34.44 -9.60
C GLU A 119 -16.19 -35.55 -8.69
N ASP A 120 -16.51 -36.83 -8.99
CA ASP A 120 -16.03 -37.97 -8.21
C ASP A 120 -14.54 -38.27 -8.50
N ASP A 121 -14.09 -38.08 -9.77
CA ASP A 121 -12.68 -38.28 -10.14
C ASP A 121 -11.79 -37.27 -9.48
N PHE A 122 -12.28 -36.01 -9.38
CA PHE A 122 -11.62 -34.85 -8.78
C PHE A 122 -11.22 -35.09 -7.31
N TRP A 123 -12.08 -35.76 -6.52
CA TRP A 123 -11.82 -36.03 -5.12
C TRP A 123 -11.01 -37.33 -4.90
N TRP A 124 -10.92 -38.17 -5.95
CA TRP A 124 -10.15 -39.41 -5.96
C TRP A 124 -8.64 -39.09 -6.04
N CYS A 125 -8.28 -38.14 -6.94
CA CYS A 125 -6.91 -37.66 -7.20
C CYS A 125 -6.38 -36.91 -6.02
N ILE A 126 -7.21 -35.99 -5.45
CA ILE A 126 -6.89 -35.19 -4.28
C ILE A 126 -6.53 -36.17 -3.17
N ASP A 127 -7.37 -37.19 -2.93
CA ASP A 127 -7.13 -38.21 -1.94
C ASP A 127 -5.88 -39.06 -2.25
N ARG A 128 -5.60 -39.36 -3.55
CA ARG A 128 -4.42 -40.15 -3.95
C ARG A 128 -3.13 -39.46 -3.50
N CYS A 129 -3.10 -38.11 -3.55
CA CYS A 129 -1.99 -37.27 -3.10
C CYS A 129 -1.77 -37.43 -1.60
N VAL A 130 -2.85 -37.38 -0.80
CA VAL A 130 -2.82 -37.41 0.66
C VAL A 130 -2.34 -38.76 1.22
N ASN A 131 -3.01 -39.89 0.85
CA ASN A 131 -2.62 -41.18 1.42
C ASN A 131 -1.90 -42.07 0.41
N MET A 132 -0.86 -42.76 0.90
CA MET A 132 0.03 -43.70 0.23
C MET A 132 0.86 -44.44 1.28
N ASP A 133 1.34 -45.66 0.96
CA ASP A 133 2.18 -46.47 1.85
C ASP A 133 3.53 -45.76 2.07
N GLY A 134 3.83 -45.42 3.33
CA GLY A 134 5.04 -44.73 3.73
C GLY A 134 5.16 -43.25 3.32
N TRP A 135 4.02 -42.62 2.93
CA TRP A 135 4.00 -41.21 2.56
C TRP A 135 3.16 -40.41 3.53
N GLN A 136 3.79 -39.35 4.05
CA GLN A 136 3.24 -38.39 5.01
C GLN A 136 3.65 -36.98 4.54
N ALA A 137 2.68 -36.12 4.23
CA ALA A 137 2.88 -34.76 3.69
C ALA A 137 3.42 -33.75 4.73
N ASN A 138 4.44 -32.99 4.33
CA ASN A 138 5.10 -31.92 5.07
C ASN A 138 4.43 -30.60 4.80
N MET A 139 4.17 -30.37 3.51
CA MET A 139 3.63 -29.12 2.99
C MET A 139 2.44 -29.34 2.09
N ILE A 140 1.57 -28.35 2.05
CA ILE A 140 0.40 -28.26 1.19
C ILE A 140 0.54 -27.00 0.37
N LEU A 141 0.52 -27.15 -0.96
CA LEU A 141 0.49 -26.02 -1.90
C LEU A 141 -0.86 -26.10 -2.56
N ASP A 142 -1.73 -25.15 -2.22
CA ASP A 142 -3.08 -25.16 -2.76
C ASP A 142 -3.39 -23.88 -3.55
N ASP A 143 -4.41 -24.00 -4.41
CA ASP A 143 -4.99 -23.00 -5.26
C ASP A 143 -6.49 -23.32 -5.31
N GLY A 144 -7.20 -22.90 -4.27
CA GLY A 144 -8.64 -23.12 -4.13
C GLY A 144 -9.08 -23.42 -2.71
N GLY A 145 -8.23 -24.17 -1.99
CA GLY A 145 -8.47 -24.55 -0.60
C GLY A 145 -9.16 -25.89 -0.41
N ASP A 146 -9.65 -26.50 -1.53
CA ASP A 146 -10.37 -27.77 -1.55
C ASP A 146 -9.52 -28.94 -1.06
N LEU A 147 -8.20 -28.97 -1.38
CA LEU A 147 -7.30 -30.01 -0.89
C LEU A 147 -7.02 -29.83 0.64
N THR A 148 -6.94 -28.56 1.09
CA THR A 148 -6.69 -28.18 2.48
C THR A 148 -7.91 -28.61 3.34
N HIS A 149 -9.15 -28.29 2.90
CA HIS A 149 -10.39 -28.64 3.58
C HIS A 149 -10.51 -30.18 3.67
N TRP A 150 -9.98 -30.89 2.64
CA TRP A 150 -9.95 -32.34 2.54
C TRP A 150 -8.98 -32.91 3.58
N VAL A 151 -7.73 -32.39 3.66
CA VAL A 151 -6.75 -32.90 4.63
C VAL A 151 -7.26 -32.57 6.05
N TYR A 152 -7.82 -31.36 6.25
CA TYR A 152 -8.36 -30.88 7.54
C TYR A 152 -9.48 -31.79 8.08
N LYS A 153 -10.39 -32.28 7.21
CA LYS A 153 -11.53 -33.11 7.64
C LYS A 153 -11.32 -34.62 7.45
N LYS A 154 -10.67 -35.07 6.37
CA LYS A 154 -10.49 -36.52 6.14
C LYS A 154 -9.30 -37.08 6.94
N TYR A 155 -8.20 -36.33 7.07
CA TYR A 155 -7.00 -36.79 7.80
C TYR A 155 -6.58 -35.74 8.84
N PRO A 156 -7.31 -35.54 9.97
CA PRO A 156 -6.92 -34.47 10.91
C PRO A 156 -5.54 -34.68 11.56
N ASN A 157 -5.12 -35.94 11.71
CA ASN A 157 -3.85 -36.36 12.30
C ASN A 157 -2.66 -36.00 11.38
N VAL A 158 -2.87 -36.00 10.07
CA VAL A 158 -1.85 -35.62 9.10
C VAL A 158 -1.75 -34.08 9.10
N PHE A 159 -2.93 -33.41 9.15
CA PHE A 159 -3.12 -31.96 9.13
C PHE A 159 -2.35 -31.23 10.27
N LYS A 160 -2.38 -31.80 11.48
CA LYS A 160 -1.70 -31.22 12.64
C LYS A 160 -0.15 -31.34 12.51
N LYS A 161 0.32 -32.28 11.66
CA LYS A 161 1.75 -32.60 11.47
C LYS A 161 2.37 -31.90 10.24
N ILE A 162 1.58 -31.09 9.48
CA ILE A 162 2.06 -30.33 8.31
C ILE A 162 2.80 -29.05 8.80
N ARG A 163 4.05 -28.89 8.32
CA ARG A 163 4.98 -27.80 8.64
C ARG A 163 4.54 -26.42 8.13
N GLY A 164 3.63 -26.38 7.16
CA GLY A 164 3.17 -25.11 6.62
C GLY A 164 2.34 -25.20 5.36
N ILE A 165 1.32 -24.35 5.28
CA ILE A 165 0.41 -24.26 4.15
C ILE A 165 0.69 -22.98 3.38
N VAL A 166 0.88 -23.12 2.06
CA VAL A 166 1.11 -22.03 1.12
C VAL A 166 -0.11 -22.03 0.19
N GLU A 167 -0.97 -21.01 0.31
CA GLU A 167 -2.23 -20.90 -0.44
C GLU A 167 -2.23 -19.69 -1.41
N GLU A 168 -2.61 -19.95 -2.68
CA GLU A 168 -2.69 -18.99 -3.81
C GLU A 168 -3.99 -18.21 -3.88
N SER A 169 -5.14 -18.93 -3.78
CA SER A 169 -6.51 -18.44 -3.94
C SER A 169 -7.02 -17.52 -2.84
N VAL A 170 -7.93 -16.63 -3.25
CA VAL A 170 -8.62 -15.63 -2.45
C VAL A 170 -9.53 -16.31 -1.41
N THR A 171 -10.43 -17.23 -1.86
CA THR A 171 -11.35 -17.93 -0.95
C THR A 171 -10.61 -18.91 -0.03
N GLY A 172 -9.54 -19.52 -0.55
CA GLY A 172 -8.71 -20.46 0.19
C GLY A 172 -7.97 -19.83 1.36
N VAL A 173 -7.47 -18.60 1.14
CA VAL A 173 -6.75 -17.75 2.08
C VAL A 173 -7.75 -17.22 3.14
N HIS A 174 -8.98 -16.86 2.72
CA HIS A 174 -10.04 -16.38 3.61
C HIS A 174 -10.52 -17.52 4.52
N ARG A 175 -10.50 -18.76 3.98
CA ARG A 175 -10.83 -19.99 4.70
C ARG A 175 -9.77 -20.19 5.80
N LEU A 176 -8.48 -19.95 5.45
CA LEU A 176 -7.36 -20.05 6.38
C LEU A 176 -7.45 -18.96 7.45
N TYR A 177 -7.83 -17.72 7.05
CA TYR A 177 -7.97 -16.60 7.98
C TYR A 177 -9.16 -16.80 8.93
N GLN A 178 -10.18 -17.59 8.50
CA GLN A 178 -11.37 -17.87 9.28
C GLN A 178 -11.08 -18.82 10.46
N LEU A 179 -10.21 -19.84 10.24
CA LEU A 179 -9.76 -20.81 11.24
C LEU A 179 -8.98 -20.07 12.33
N SER A 180 -8.20 -19.06 11.92
CA SER A 180 -7.52 -18.13 12.82
C SER A 180 -8.59 -17.21 13.40
N LYS A 181 -8.47 -16.84 14.68
CA LYS A 181 -9.45 -16.05 15.44
C LYS A 181 -10.61 -16.97 15.91
N ALA A 182 -10.62 -18.24 15.41
CA ALA A 182 -11.56 -19.30 15.77
C ALA A 182 -10.79 -20.48 16.36
N GLY A 183 -9.46 -20.41 16.25
CA GLY A 183 -8.52 -21.39 16.79
C GLY A 183 -8.57 -22.79 16.21
N LYS A 184 -9.03 -22.93 14.96
CA LYS A 184 -9.09 -24.22 14.28
C LYS A 184 -7.82 -24.43 13.42
N LEU A 185 -7.01 -23.37 13.23
CA LEU A 185 -5.76 -23.41 12.48
C LEU A 185 -4.62 -23.76 13.43
N CYS A 186 -4.08 -24.99 13.32
CA CYS A 186 -3.02 -25.54 14.17
C CYS A 186 -1.64 -25.56 13.48
N VAL A 187 -1.61 -25.14 12.22
CA VAL A 187 -0.43 -25.12 11.33
C VAL A 187 -0.17 -23.68 10.79
N PRO A 188 1.10 -23.22 10.64
CA PRO A 188 1.32 -21.87 10.05
C PRO A 188 0.94 -21.82 8.57
N ALA A 189 0.34 -20.69 8.13
CA ALA A 189 -0.07 -20.52 6.72
C ALA A 189 0.63 -19.34 6.07
N MET A 190 0.92 -19.46 4.77
CA MET A 190 1.52 -18.39 3.99
C MET A 190 0.55 -17.86 2.97
N ASN A 191 0.10 -16.60 3.15
CA ASN A 191 -0.81 -15.92 2.23
C ASN A 191 0.03 -15.32 1.10
N VAL A 192 0.13 -16.05 -0.03
CA VAL A 192 0.91 -15.57 -1.18
C VAL A 192 0.10 -14.53 -1.98
N ASN A 193 -1.24 -14.61 -1.91
CA ASN A 193 -2.18 -13.72 -2.59
C ASN A 193 -1.96 -12.23 -2.23
N ASP A 194 -1.66 -11.95 -0.95
CA ASP A 194 -1.46 -10.58 -0.48
C ASP A 194 0.01 -10.27 -0.16
N SER A 195 0.95 -11.09 -0.66
CA SER A 195 2.38 -10.83 -0.55
C SER A 195 2.67 -9.71 -1.52
N VAL A 196 3.47 -8.71 -1.12
CA VAL A 196 3.70 -7.49 -1.88
C VAL A 196 3.91 -7.73 -3.39
N THR A 197 5.03 -8.37 -3.79
CA THR A 197 5.37 -8.54 -5.21
C THR A 197 4.21 -9.17 -5.99
N LYS A 198 3.67 -10.32 -5.51
CA LYS A 198 2.53 -10.99 -6.13
C LYS A 198 1.28 -10.08 -6.17
N GLN A 199 0.90 -9.45 -5.02
CA GLN A 199 -0.25 -8.55 -4.94
C GLN A 199 -0.16 -7.41 -5.94
N LYS A 200 1.00 -6.70 -6.00
CA LYS A 200 1.22 -5.55 -6.90
C LYS A 200 1.19 -5.97 -8.35
N PHE A 201 1.60 -7.20 -8.63
CA PHE A 201 1.63 -7.69 -9.99
C PHE A 201 0.26 -8.05 -10.54
N ASP A 202 -0.58 -8.75 -9.74
CA ASP A 202 -1.97 -9.09 -10.06
C ASP A 202 -2.77 -7.84 -10.24
N ASN A 203 -2.60 -6.86 -9.32
CA ASN A 203 -3.24 -5.57 -9.39
C ASN A 203 -2.95 -4.92 -10.74
N LEU A 204 -1.68 -4.92 -11.20
CA LEU A 204 -1.34 -4.36 -12.51
C LEU A 204 -2.02 -5.11 -13.65
N TYR A 205 -2.08 -6.45 -13.56
CA TYR A 205 -2.70 -7.24 -14.60
C TYR A 205 -4.21 -7.03 -14.59
N CYS A 206 -4.88 -7.36 -13.45
CA CYS A 206 -6.32 -7.28 -13.27
C CYS A 206 -6.87 -5.89 -13.26
N CYS A 207 -6.31 -5.01 -12.45
CA CYS A 207 -6.91 -3.71 -12.26
C CYS A 207 -6.39 -2.65 -13.19
N ARG A 208 -5.25 -2.85 -13.85
CA ARG A 208 -4.82 -1.79 -14.74
C ARG A 208 -4.95 -2.22 -16.22
N GLU A 209 -4.28 -3.30 -16.61
CA GLU A 209 -4.28 -3.79 -17.98
C GLU A 209 -5.61 -4.37 -18.46
N SER A 210 -6.26 -5.21 -17.66
CA SER A 210 -7.42 -5.99 -18.12
C SER A 210 -8.74 -5.54 -17.63
N ILE A 211 -8.75 -4.61 -16.69
CA ILE A 211 -9.97 -4.20 -16.00
C ILE A 211 -11.22 -3.99 -16.92
N LEU A 212 -11.08 -3.42 -18.14
CA LEU A 212 -12.29 -3.20 -18.98
C LEU A 212 -12.36 -4.18 -20.15
N ASP A 213 -11.43 -5.14 -20.23
CA ASP A 213 -11.39 -6.06 -21.37
C ASP A 213 -12.69 -6.83 -21.56
N GLY A 214 -13.19 -7.48 -20.50
CA GLY A 214 -14.41 -8.27 -20.54
C GLY A 214 -15.59 -7.44 -20.96
N LEU A 215 -15.74 -6.26 -20.33
CA LEU A 215 -16.78 -5.25 -20.55
C LEU A 215 -16.71 -4.76 -22.02
N LYS A 216 -15.56 -4.27 -22.49
CA LYS A 216 -15.36 -3.88 -23.89
C LYS A 216 -15.67 -5.01 -24.91
N ARG A 217 -15.30 -6.27 -24.60
CA ARG A 217 -15.52 -7.42 -25.49
C ARG A 217 -17.01 -7.72 -25.69
N THR A 218 -17.79 -7.67 -24.61
CA THR A 218 -19.21 -8.03 -24.62
C THR A 218 -20.21 -6.87 -24.86
N THR A 219 -19.77 -5.63 -25.14
CA THR A 219 -20.80 -4.60 -25.17
C THR A 219 -21.03 -3.83 -26.46
N ASP A 220 -20.00 -3.40 -27.16
CA ASP A 220 -20.16 -2.58 -28.37
C ASP A 220 -20.97 -1.21 -28.15
N VAL A 221 -20.49 -0.40 -27.18
CA VAL A 221 -20.87 1.00 -26.85
C VAL A 221 -19.56 1.73 -26.47
N MET A 222 -19.55 3.07 -26.55
CA MET A 222 -18.36 3.74 -26.06
C MET A 222 -18.68 4.34 -24.71
N PHE A 223 -17.75 4.19 -23.75
CA PHE A 223 -17.89 4.61 -22.36
C PHE A 223 -17.66 6.10 -22.19
N GLY A 224 -16.87 6.69 -23.08
CA GLY A 224 -16.62 8.12 -23.16
C GLY A 224 -17.95 8.82 -23.31
N GLY A 225 -18.20 9.77 -22.40
CA GLY A 225 -19.43 10.52 -22.31
C GLY A 225 -20.53 9.90 -21.49
N LYS A 226 -20.29 8.68 -20.97
CA LYS A 226 -21.31 7.93 -20.24
C LYS A 226 -21.20 8.14 -18.77
N GLN A 227 -22.27 7.81 -18.04
CA GLN A 227 -22.32 7.87 -16.60
C GLN A 227 -22.26 6.44 -16.06
N VAL A 228 -21.26 6.18 -15.20
CA VAL A 228 -21.00 4.86 -14.64
C VAL A 228 -20.97 4.95 -13.14
N VAL A 229 -21.58 3.97 -12.47
CA VAL A 229 -21.52 3.88 -11.01
C VAL A 229 -20.72 2.60 -10.71
N VAL A 230 -19.62 2.79 -9.96
CA VAL A 230 -18.75 1.71 -9.55
C VAL A 230 -18.94 1.51 -8.06
N CYS A 231 -19.38 0.30 -7.66
CA CYS A 231 -19.62 -0.03 -6.26
C CYS A 231 -18.39 -0.67 -5.67
N GLY A 232 -17.71 0.06 -4.78
CA GLY A 232 -16.48 -0.39 -4.13
C GLY A 232 -15.28 0.32 -4.72
N TYR A 233 -14.43 0.89 -3.86
CA TYR A 233 -13.25 1.60 -4.33
C TYR A 233 -11.97 0.98 -3.70
N GLY A 234 -11.86 -0.35 -3.79
CA GLY A 234 -10.71 -1.13 -3.36
C GLY A 234 -9.72 -1.29 -4.50
N GLU A 235 -9.03 -2.44 -4.61
CA GLU A 235 -8.06 -2.59 -5.71
C GLU A 235 -8.75 -2.50 -7.07
N VAL A 236 -9.85 -3.25 -7.24
CA VAL A 236 -10.58 -3.37 -8.52
C VAL A 236 -11.27 -2.03 -8.86
N GLY A 237 -12.04 -1.47 -7.92
CA GLY A 237 -12.73 -0.21 -8.10
C GLY A 237 -11.82 0.91 -8.52
N LYS A 238 -10.66 1.05 -7.85
CA LYS A 238 -9.66 2.08 -8.18
C LYS A 238 -9.18 1.93 -9.65
N GLY A 239 -8.84 0.68 -10.03
CA GLY A 239 -8.37 0.37 -11.37
C GLY A 239 -9.42 0.68 -12.40
N CYS A 240 -10.62 0.20 -12.13
CA CYS A 240 -11.78 0.38 -12.96
C CYS A 240 -12.09 1.83 -13.24
N CYS A 241 -12.16 2.67 -12.17
CA CYS A 241 -12.51 4.08 -12.26
C CYS A 241 -11.45 4.84 -13.05
N ALA A 242 -10.17 4.53 -12.84
CA ALA A 242 -9.08 5.16 -13.57
C ALA A 242 -9.23 4.90 -15.05
N ALA A 243 -9.46 3.61 -15.41
CA ALA A 243 -9.65 3.15 -16.79
C ALA A 243 -10.83 3.89 -17.42
N LEU A 244 -11.95 3.98 -16.70
CA LEU A 244 -13.15 4.69 -17.15
C LEU A 244 -12.93 6.20 -17.21
N LYS A 245 -12.21 6.78 -16.24
CA LYS A 245 -11.88 8.22 -16.23
C LYS A 245 -11.11 8.60 -17.49
N ALA A 246 -10.10 7.77 -17.84
CA ALA A 246 -9.23 7.97 -18.99
C ALA A 246 -9.98 7.92 -20.33
N LEU A 247 -11.11 7.20 -20.42
CA LEU A 247 -11.89 7.09 -21.66
C LEU A 247 -12.92 8.23 -21.83
N GLY A 248 -13.19 9.03 -20.78
CA GLY A 248 -14.11 10.16 -20.83
C GLY A 248 -15.43 9.91 -20.13
N ALA A 249 -15.48 8.85 -19.32
CA ALA A 249 -16.70 8.47 -18.63
C ALA A 249 -16.82 9.28 -17.36
N ILE A 250 -18.08 9.59 -16.94
CA ILE A 250 -18.38 10.29 -15.68
C ILE A 250 -18.64 9.17 -14.70
N VAL A 251 -17.75 9.02 -13.70
CA VAL A 251 -17.77 7.93 -12.75
C VAL A 251 -18.19 8.43 -11.39
N TYR A 252 -19.17 7.73 -10.81
CA TYR A 252 -19.74 7.91 -9.48
C TYR A 252 -19.26 6.71 -8.64
N ILE A 253 -19.01 6.89 -7.35
CA ILE A 253 -18.50 5.80 -6.49
C ILE A 253 -19.38 5.60 -5.26
N THR A 254 -19.55 4.34 -4.89
CA THR A 254 -20.25 3.98 -3.66
C THR A 254 -19.24 3.24 -2.81
N GLU A 255 -19.21 3.52 -1.49
CA GLU A 255 -18.31 2.82 -0.60
C GLU A 255 -18.86 2.68 0.78
N ILE A 256 -18.38 1.66 1.53
CA ILE A 256 -18.73 1.42 2.95
C ILE A 256 -17.56 1.87 3.83
N ASP A 257 -16.34 1.93 3.26
CA ASP A 257 -15.10 2.27 3.95
C ASP A 257 -14.79 3.79 3.76
N PRO A 258 -14.73 4.57 4.87
CA PRO A 258 -14.55 6.02 4.74
C PRO A 258 -13.16 6.42 4.25
N ILE A 259 -12.14 5.54 4.39
CA ILE A 259 -10.78 5.81 3.90
C ILE A 259 -10.82 5.73 2.39
N CYS A 260 -11.37 4.62 1.85
CA CYS A 260 -11.55 4.36 0.42
C CYS A 260 -12.44 5.41 -0.22
N ALA A 261 -13.48 5.88 0.50
CA ALA A 261 -14.37 6.95 0.04
C ALA A 261 -13.64 8.30 -0.03
N LEU A 262 -12.81 8.63 0.98
CA LEU A 262 -12.01 9.86 1.02
C LEU A 262 -10.98 9.87 -0.13
N GLN A 263 -10.44 8.65 -0.44
CA GLN A 263 -9.53 8.40 -1.56
C GLN A 263 -10.24 8.74 -2.87
N ALA A 264 -11.50 8.30 -3.04
CA ALA A 264 -12.32 8.59 -4.22
C ALA A 264 -12.64 10.08 -4.32
N CYS A 265 -13.00 10.73 -3.19
CA CYS A 265 -13.27 12.19 -3.16
C CYS A 265 -12.05 12.94 -3.67
N MET A 266 -10.88 12.52 -3.17
CA MET A 266 -9.61 13.14 -3.55
C MET A 266 -9.17 12.79 -5.01
N ASP A 267 -9.70 11.70 -5.62
CA ASP A 267 -9.37 11.27 -6.99
C ASP A 267 -10.34 11.85 -8.05
N GLY A 268 -11.23 12.74 -7.60
CA GLY A 268 -12.15 13.47 -8.45
C GLY A 268 -13.48 12.84 -8.65
N PHE A 269 -13.86 11.91 -7.77
CA PHE A 269 -15.15 11.23 -7.88
C PHE A 269 -16.04 11.59 -6.74
N ARG A 270 -17.33 11.62 -6.99
CA ARG A 270 -18.39 11.79 -5.99
C ARG A 270 -18.74 10.41 -5.41
N VAL A 271 -18.85 10.36 -4.07
CA VAL A 271 -19.25 9.22 -3.24
C VAL A 271 -20.72 9.43 -2.97
N VAL A 272 -21.53 8.54 -3.55
CA VAL A 272 -22.99 8.61 -3.47
C VAL A 272 -23.53 7.27 -2.93
N LYS A 273 -24.79 7.24 -2.48
CA LYS A 273 -25.51 5.99 -2.13
C LYS A 273 -25.95 5.39 -3.46
N LEU A 274 -25.95 4.05 -3.64
CA LEU A 274 -26.31 3.49 -4.97
C LEU A 274 -27.61 4.14 -5.59
N ASN A 275 -28.70 4.27 -4.82
CA ASN A 275 -29.99 4.85 -5.23
C ASN A 275 -29.93 6.29 -5.85
N GLU A 276 -28.99 7.13 -5.40
CA GLU A 276 -28.87 8.52 -5.87
C GLU A 276 -28.63 8.65 -7.38
N VAL A 277 -28.04 7.61 -8.01
CA VAL A 277 -27.70 7.70 -9.43
C VAL A 277 -28.25 6.52 -10.28
N ILE A 278 -28.75 5.43 -9.63
CA ILE A 278 -29.22 4.20 -10.30
C ILE A 278 -30.14 4.47 -11.51
N ARG A 279 -30.95 5.53 -11.43
CA ARG A 279 -31.92 5.87 -12.46
C ARG A 279 -31.31 6.68 -13.61
N GLN A 280 -30.03 7.05 -13.54
CA GLN A 280 -29.43 7.88 -14.58
C GLN A 280 -28.16 7.25 -15.21
N VAL A 281 -27.52 6.30 -14.52
CA VAL A 281 -26.29 5.65 -14.99
C VAL A 281 -26.58 4.74 -16.19
N ASP A 282 -25.60 4.63 -17.10
CA ASP A 282 -25.58 3.84 -18.33
C ASP A 282 -24.96 2.47 -18.04
N VAL A 283 -24.12 2.42 -16.99
CA VAL A 283 -23.39 1.24 -16.55
C VAL A 283 -23.37 1.17 -15.03
N VAL A 284 -23.57 -0.05 -14.50
CA VAL A 284 -23.48 -0.37 -13.07
C VAL A 284 -22.35 -1.42 -12.93
N ILE A 285 -21.34 -1.15 -12.06
CA ILE A 285 -20.25 -2.12 -11.86
C ILE A 285 -20.13 -2.43 -10.37
N THR A 286 -20.05 -3.72 -10.02
CA THR A 286 -19.88 -4.16 -8.63
C THR A 286 -18.51 -4.79 -8.50
N CYS A 287 -17.73 -4.30 -7.53
CA CYS A 287 -16.40 -4.86 -7.24
C CYS A 287 -16.13 -4.72 -5.74
N THR A 288 -17.05 -5.30 -4.96
CA THR A 288 -17.06 -5.23 -3.52
C THR A 288 -16.59 -6.54 -2.83
N GLY A 289 -17.04 -7.69 -3.33
CA GLY A 289 -16.75 -8.99 -2.69
C GLY A 289 -17.86 -9.35 -1.73
N ASN A 290 -18.92 -8.52 -1.74
CA ASN A 290 -20.12 -8.55 -0.92
C ASN A 290 -21.32 -9.16 -1.66
N LYS A 291 -22.40 -9.41 -0.94
CA LYS A 291 -23.65 -9.93 -1.48
C LYS A 291 -24.73 -8.83 -1.48
N ASN A 292 -25.61 -8.85 -2.50
CA ASN A 292 -26.75 -7.96 -2.70
C ASN A 292 -26.40 -6.47 -2.64
N VAL A 293 -25.38 -6.06 -3.41
CA VAL A 293 -24.96 -4.66 -3.57
C VAL A 293 -26.00 -4.01 -4.53
N VAL A 294 -26.39 -4.75 -5.61
CA VAL A 294 -27.44 -4.38 -6.57
C VAL A 294 -28.59 -5.36 -6.36
N THR A 295 -29.69 -4.87 -5.78
CA THR A 295 -30.88 -5.64 -5.46
C THR A 295 -31.94 -5.42 -6.52
N ARG A 296 -32.98 -6.27 -6.53
CA ARG A 296 -34.11 -6.17 -7.45
C ARG A 296 -34.66 -4.72 -7.56
N GLU A 297 -34.73 -4.01 -6.41
CA GLU A 297 -35.19 -2.62 -6.35
C GLU A 297 -34.36 -1.76 -7.32
N HIS A 298 -33.02 -1.86 -7.24
CA HIS A 298 -32.07 -1.14 -8.11
C HIS A 298 -32.28 -1.50 -9.60
N LEU A 299 -32.31 -2.80 -9.92
CA LEU A 299 -32.51 -3.29 -11.29
C LEU A 299 -33.81 -2.72 -11.90
N ASP A 300 -34.89 -2.65 -11.11
CA ASP A 300 -36.19 -2.09 -11.49
C ASP A 300 -36.15 -0.58 -11.79
N ARG A 301 -35.26 0.16 -11.10
CA ARG A 301 -35.13 1.62 -11.24
C ARG A 301 -34.11 2.03 -12.33
N MET A 302 -33.27 1.08 -12.80
CA MET A 302 -32.31 1.34 -13.89
C MET A 302 -33.04 1.76 -15.14
N LYS A 303 -32.44 2.69 -15.90
CA LYS A 303 -33.03 3.17 -17.15
C LYS A 303 -32.78 2.13 -18.24
N ASN A 304 -33.66 2.12 -19.25
CA ASN A 304 -33.57 1.25 -20.41
C ASN A 304 -32.19 1.40 -21.02
N SER A 305 -31.59 0.26 -21.40
CA SER A 305 -30.25 0.07 -22.02
C SER A 305 -29.09 0.18 -20.99
N CYS A 306 -29.40 0.17 -19.66
CA CYS A 306 -28.35 0.17 -18.63
C CYS A 306 -27.59 -1.15 -18.69
N ILE A 307 -26.27 -1.08 -18.49
CA ILE A 307 -25.41 -2.26 -18.51
C ILE A 307 -25.11 -2.61 -17.04
N VAL A 308 -25.18 -3.91 -16.71
CA VAL A 308 -24.91 -4.39 -15.36
C VAL A 308 -23.74 -5.39 -15.42
N CYS A 309 -22.66 -5.07 -14.68
CA CYS A 309 -21.45 -5.87 -14.72
C CYS A 309 -20.93 -6.18 -13.32
N ASN A 310 -20.39 -7.39 -13.13
CA ASN A 310 -19.80 -7.76 -11.85
C ASN A 310 -18.32 -8.03 -12.05
N MET A 311 -17.47 -7.22 -11.40
CA MET A 311 -16.01 -7.40 -11.48
C MET A 311 -15.48 -7.80 -10.10
N GLY A 312 -16.39 -8.23 -9.22
CA GLY A 312 -16.08 -8.68 -7.87
C GLY A 312 -16.01 -10.19 -7.77
N HIS A 313 -16.73 -10.77 -6.80
CA HIS A 313 -16.68 -12.21 -6.55
C HIS A 313 -17.99 -12.93 -6.94
N SER A 314 -17.91 -14.27 -7.07
CA SER A 314 -19.02 -15.19 -7.35
C SER A 314 -20.07 -14.55 -8.26
N ASN A 315 -21.38 -14.60 -7.89
CA ASN A 315 -22.44 -14.01 -8.71
C ASN A 315 -23.57 -13.47 -7.83
N THR A 316 -23.24 -13.15 -6.56
CA THR A 316 -24.19 -12.69 -5.54
C THR A 316 -24.13 -11.15 -5.29
N GLU A 317 -23.17 -10.42 -5.90
CA GLU A 317 -23.06 -8.96 -5.77
C GLU A 317 -24.32 -8.28 -6.35
N ILE A 318 -24.85 -8.86 -7.43
CA ILE A 318 -26.10 -8.50 -8.09
C ILE A 318 -27.04 -9.67 -7.80
N ASP A 319 -28.26 -9.38 -7.28
CA ASP A 319 -29.21 -10.44 -6.99
C ASP A 319 -29.91 -10.85 -8.29
N VAL A 320 -29.15 -11.57 -9.15
CA VAL A 320 -29.57 -12.10 -10.43
C VAL A 320 -30.76 -13.08 -10.23
N THR A 321 -30.76 -13.88 -9.13
CA THR A 321 -31.83 -14.86 -8.85
C THR A 321 -33.20 -14.13 -8.64
N SER A 322 -33.19 -12.83 -8.27
CA SER A 322 -34.41 -12.03 -8.12
C SER A 322 -34.94 -11.63 -9.50
N LEU A 323 -34.11 -11.76 -10.56
CA LEU A 323 -34.56 -11.47 -11.93
C LEU A 323 -35.17 -12.73 -12.62
N ARG A 324 -35.32 -13.86 -11.88
CA ARG A 324 -35.88 -15.08 -12.45
C ARG A 324 -37.33 -15.28 -11.98
N THR A 325 -38.18 -14.28 -12.30
CA THR A 325 -39.63 -14.24 -11.97
C THR A 325 -40.41 -14.42 -13.31
N PRO A 326 -41.63 -15.05 -13.32
CA PRO A 326 -42.33 -15.26 -14.60
C PRO A 326 -42.63 -14.01 -15.45
N GLU A 327 -42.76 -12.81 -14.84
CA GLU A 327 -43.06 -11.58 -15.58
C GLU A 327 -41.85 -11.04 -16.38
N LEU A 328 -40.62 -11.53 -16.06
CA LEU A 328 -39.41 -11.10 -16.76
C LEU A 328 -39.04 -12.10 -17.85
N THR A 329 -38.57 -11.57 -19.01
CA THR A 329 -38.20 -12.37 -20.19
C THR A 329 -36.70 -12.19 -20.53
N TRP A 330 -35.95 -13.32 -20.56
CA TRP A 330 -34.51 -13.41 -20.85
C TRP A 330 -34.23 -13.75 -22.33
N GLU A 331 -33.34 -12.97 -22.96
CA GLU A 331 -32.96 -13.12 -24.36
C GLU A 331 -31.43 -13.06 -24.48
N ARG A 332 -30.75 -14.20 -24.77
CA ARG A 332 -29.30 -14.13 -24.93
C ARG A 332 -28.99 -13.60 -26.33
N VAL A 333 -28.70 -12.29 -26.41
CA VAL A 333 -28.43 -11.60 -27.67
C VAL A 333 -27.03 -11.95 -28.24
N ARG A 334 -26.03 -12.18 -27.36
CA ARG A 334 -24.66 -12.59 -27.71
C ARG A 334 -24.12 -13.54 -26.67
N SER A 335 -22.90 -14.02 -26.83
CA SER A 335 -22.33 -14.89 -25.82
C SER A 335 -22.14 -14.05 -24.52
N GLN A 336 -22.58 -14.61 -23.35
CA GLN A 336 -22.46 -13.99 -22.03
C GLN A 336 -23.20 -12.64 -21.89
N VAL A 337 -24.16 -12.34 -22.80
CA VAL A 337 -24.93 -11.10 -22.75
C VAL A 337 -26.40 -11.45 -22.80
N ASP A 338 -27.13 -11.11 -21.73
CA ASP A 338 -28.57 -11.32 -21.65
C ASP A 338 -29.27 -10.01 -21.52
N HIS A 339 -30.41 -9.87 -22.20
CA HIS A 339 -31.31 -8.74 -22.10
C HIS A 339 -32.49 -9.19 -21.28
N VAL A 340 -32.61 -8.65 -20.08
CA VAL A 340 -33.70 -8.97 -19.17
C VAL A 340 -34.71 -7.85 -19.37
N ILE A 341 -35.78 -8.13 -20.12
CA ILE A 341 -36.84 -7.18 -20.48
C ILE A 341 -38.02 -7.29 -19.50
N TRP A 342 -38.42 -6.15 -18.93
CA TRP A 342 -39.56 -5.98 -18.03
C TRP A 342 -40.89 -6.00 -18.84
N PRO A 343 -42.10 -6.09 -18.23
CA PRO A 343 -43.33 -6.08 -19.06
C PRO A 343 -43.55 -4.75 -19.80
N ASP A 344 -43.01 -3.62 -19.28
CA ASP A 344 -43.13 -2.30 -19.90
C ASP A 344 -42.12 -2.04 -21.06
N GLY A 345 -41.28 -3.03 -21.40
CA GLY A 345 -40.34 -2.92 -22.51
C GLY A 345 -38.89 -2.59 -22.17
N LYS A 346 -38.66 -2.05 -20.95
CA LYS A 346 -37.34 -1.69 -20.44
C LYS A 346 -36.46 -2.92 -20.27
N ARG A 347 -35.26 -2.87 -20.87
CA ARG A 347 -34.30 -3.95 -20.76
C ARG A 347 -33.02 -3.49 -20.07
N VAL A 348 -32.36 -4.43 -19.38
CA VAL A 348 -31.06 -4.20 -18.78
C VAL A 348 -30.11 -5.22 -19.42
N VAL A 349 -28.97 -4.74 -19.90
CA VAL A 349 -27.95 -5.56 -20.52
C VAL A 349 -27.15 -6.20 -19.37
N LEU A 350 -27.36 -7.49 -19.11
CA LEU A 350 -26.69 -8.19 -18.00
C LEU A 350 -25.62 -9.15 -18.53
N LEU A 351 -24.36 -8.85 -18.15
CA LEU A 351 -23.17 -9.61 -18.57
C LEU A 351 -22.86 -10.80 -17.66
N ALA A 352 -22.53 -11.95 -18.29
CA ALA A 352 -22.10 -13.25 -17.72
C ALA A 352 -23.00 -13.79 -16.58
N GLU A 353 -24.30 -13.43 -16.60
CA GLU A 353 -25.32 -13.78 -15.59
C GLU A 353 -24.89 -13.36 -14.14
N GLY A 354 -24.23 -12.21 -14.02
CA GLY A 354 -23.78 -11.66 -12.75
C GLY A 354 -22.45 -12.19 -12.23
N ARG A 355 -21.75 -13.01 -13.03
CA ARG A 355 -20.43 -13.57 -12.69
C ARG A 355 -19.34 -12.69 -13.28
N LEU A 356 -18.07 -12.94 -12.90
CA LEU A 356 -16.93 -12.22 -13.48
C LEU A 356 -16.73 -12.73 -14.90
N LEU A 357 -16.50 -11.82 -15.84
CA LEU A 357 -16.33 -12.15 -17.24
C LEU A 357 -15.01 -12.86 -17.57
N ASN A 358 -13.89 -12.43 -16.95
CA ASN A 358 -12.53 -12.96 -17.18
C ASN A 358 -12.41 -14.50 -16.97
N LEU A 359 -13.34 -15.10 -16.20
CA LEU A 359 -13.39 -16.53 -15.92
C LEU A 359 -13.82 -17.35 -17.17
N SER A 360 -14.22 -16.66 -18.27
CA SER A 360 -14.65 -17.27 -19.53
C SER A 360 -14.29 -16.36 -20.72
N CYS A 361 -13.00 -15.97 -20.82
CA CYS A 361 -12.51 -15.10 -21.88
C CYS A 361 -11.05 -15.44 -22.29
N SER A 362 -10.05 -15.30 -21.38
CA SER A 362 -8.62 -15.53 -21.65
C SER A 362 -7.90 -16.36 -20.55
N THR A 363 -6.53 -16.23 -20.46
CA THR A 363 -5.64 -16.90 -19.50
C THR A 363 -4.63 -15.88 -18.87
N VAL A 364 -3.96 -16.25 -17.74
CA VAL A 364 -3.04 -15.38 -16.98
C VAL A 364 -1.63 -15.30 -17.65
N PRO A 365 -1.06 -14.08 -17.87
CA PRO A 365 0.27 -14.01 -18.53
C PRO A 365 1.34 -14.76 -17.76
N THR A 366 2.28 -15.38 -18.49
CA THR A 366 3.39 -16.15 -17.93
C THR A 366 4.26 -15.30 -16.98
N PHE A 367 4.35 -13.98 -17.17
CA PHE A 367 5.12 -13.14 -16.27
C PHE A 367 4.43 -13.07 -14.90
N VAL A 368 3.09 -13.00 -14.89
CA VAL A 368 2.28 -12.98 -13.66
C VAL A 368 2.44 -14.36 -12.97
N LEU A 369 2.43 -15.44 -13.79
CA LEU A 369 2.62 -16.82 -13.36
C LEU A 369 4.01 -17.02 -12.75
N SER A 370 5.05 -16.44 -13.37
CA SER A 370 6.45 -16.44 -12.96
C SER A 370 6.58 -15.80 -11.56
N ILE A 371 5.98 -14.58 -11.38
CA ILE A 371 5.98 -13.83 -10.09
C ILE A 371 5.39 -14.75 -8.99
N THR A 372 4.16 -15.30 -9.24
CA THR A 372 3.43 -16.17 -8.32
C THR A 372 4.23 -17.42 -7.97
N ALA A 373 4.68 -18.17 -9.00
CA ALA A 373 5.45 -19.41 -8.82
C ALA A 373 6.69 -19.16 -8.01
N THR A 374 7.41 -18.05 -8.28
CA THR A 374 8.61 -17.66 -7.52
C THR A 374 8.23 -17.41 -6.05
N THR A 375 7.08 -16.76 -5.79
CA THR A 375 6.58 -16.45 -4.45
C THR A 375 6.26 -17.72 -3.70
N GLN A 376 5.64 -18.70 -4.39
CA GLN A 376 5.21 -19.99 -3.87
C GLN A 376 6.39 -20.84 -3.44
N ALA A 377 7.42 -20.94 -4.32
CA ALA A 377 8.63 -21.73 -4.09
C ALA A 377 9.37 -21.20 -2.86
N LEU A 378 9.53 -19.86 -2.76
CA LEU A 378 10.18 -19.19 -1.64
C LEU A 378 9.33 -19.26 -0.38
N ALA A 379 7.98 -19.30 -0.50
CA ALA A 379 7.07 -19.43 0.64
C ALA A 379 7.17 -20.85 1.25
N LEU A 380 7.42 -21.86 0.39
CA LEU A 380 7.59 -23.25 0.82
C LEU A 380 8.97 -23.42 1.44
N ILE A 381 10.03 -22.84 0.80
CA ILE A 381 11.41 -22.86 1.31
C ILE A 381 11.46 -22.21 2.72
N GLU A 382 10.72 -21.11 2.91
CA GLU A 382 10.62 -20.38 4.17
C GLU A 382 9.98 -21.23 5.26
N LEU A 383 8.66 -21.53 5.16
CA LEU A 383 7.89 -22.30 6.14
C LEU A 383 8.49 -23.66 6.48
N TYR A 384 9.08 -24.35 5.48
CA TYR A 384 9.70 -25.67 5.71
C TYR A 384 10.95 -25.53 6.59
N ASN A 385 11.84 -24.58 6.26
CA ASN A 385 13.10 -24.33 6.95
C ASN A 385 12.95 -23.36 8.15
N ALA A 386 11.74 -22.82 8.37
CA ALA A 386 11.42 -21.86 9.43
C ALA A 386 11.56 -22.44 10.82
N PRO A 387 12.21 -21.72 11.76
CA PRO A 387 12.28 -22.25 13.14
C PRO A 387 10.96 -21.99 13.87
N GLU A 388 10.69 -22.76 14.95
CA GLU A 388 9.45 -22.57 15.70
C GLU A 388 9.56 -21.28 16.52
N GLY A 389 8.44 -20.60 16.66
CA GLY A 389 8.43 -19.31 17.33
C GLY A 389 8.55 -18.18 16.33
N ARG A 390 9.00 -18.50 15.08
CA ARG A 390 9.09 -17.54 13.98
C ARG A 390 7.71 -17.39 13.36
N TYR A 391 6.95 -18.51 13.33
CA TYR A 391 5.56 -18.57 12.87
C TYR A 391 4.80 -19.47 13.81
N LYS A 392 3.63 -19.00 14.27
CA LYS A 392 2.76 -19.76 15.16
C LYS A 392 1.53 -20.24 14.35
N GLN A 393 0.42 -20.59 15.03
CA GLN A 393 -0.81 -21.07 14.42
C GLN A 393 -1.60 -19.87 13.91
N ASP A 394 -1.10 -19.27 12.83
CA ASP A 394 -1.67 -18.10 12.18
C ASP A 394 -1.29 -18.09 10.69
N VAL A 395 -1.88 -17.13 9.94
CA VAL A 395 -1.61 -16.90 8.51
C VAL A 395 -0.63 -15.70 8.43
N TYR A 396 0.47 -15.89 7.69
CA TYR A 396 1.54 -14.91 7.55
C TYR A 396 1.78 -14.53 6.09
N LEU A 397 2.43 -13.39 5.86
CA LEU A 397 2.82 -12.97 4.52
C LEU A 397 4.29 -13.32 4.31
N LEU A 398 4.70 -13.46 3.05
CA LEU A 398 6.08 -13.81 2.69
C LEU A 398 7.10 -12.77 3.25
N PRO A 399 8.23 -13.21 3.90
CA PRO A 399 9.21 -12.24 4.44
C PRO A 399 9.68 -11.19 3.43
N LYS A 400 10.02 -9.97 3.90
CA LYS A 400 10.43 -8.87 3.02
C LYS A 400 11.62 -9.22 2.13
N LYS A 401 12.66 -9.86 2.68
CA LYS A 401 13.85 -10.22 1.91
C LYS A 401 13.52 -11.24 0.81
N MET A 402 12.46 -12.05 1.03
CA MET A 402 11.95 -13.03 0.06
C MET A 402 11.17 -12.31 -1.03
N ASP A 403 10.35 -11.30 -0.65
CA ASP A 403 9.56 -10.44 -1.55
C ASP A 403 10.50 -9.68 -2.50
N GLU A 404 11.61 -9.15 -1.95
CA GLU A 404 12.68 -8.45 -2.64
C GLU A 404 13.35 -9.39 -3.65
N TYR A 405 13.59 -10.64 -3.25
CA TYR A 405 14.20 -11.67 -4.08
C TYR A 405 13.27 -12.05 -5.24
N VAL A 406 11.94 -12.13 -5.00
CA VAL A 406 10.96 -12.43 -6.04
C VAL A 406 11.07 -11.36 -7.12
N ALA A 407 11.11 -10.08 -6.69
CA ALA A 407 11.25 -8.91 -7.54
C ALA A 407 12.59 -8.90 -8.27
N SER A 408 13.70 -9.17 -7.54
CA SER A 408 15.06 -9.19 -8.09
C SER A 408 15.23 -10.24 -9.17
N LEU A 409 14.61 -11.43 -9.01
CA LEU A 409 14.71 -12.50 -9.99
C LEU A 409 14.06 -12.13 -11.33
N HIS A 410 13.12 -11.14 -11.33
CA HIS A 410 12.37 -10.70 -12.52
C HIS A 410 12.97 -9.46 -13.14
N LEU A 411 13.91 -8.79 -12.46
CA LEU A 411 14.59 -7.60 -12.98
C LEU A 411 15.41 -7.85 -14.27
N PRO A 412 16.22 -8.93 -14.45
CA PRO A 412 16.98 -9.11 -15.70
C PRO A 412 16.17 -9.17 -17.01
N SER A 413 14.88 -9.53 -16.93
CA SER A 413 14.03 -9.63 -18.12
C SER A 413 13.78 -8.23 -18.72
N PHE A 414 13.98 -7.17 -17.93
CA PHE A 414 13.89 -5.75 -18.33
C PHE A 414 15.28 -5.16 -18.53
N ASP A 415 16.33 -5.95 -18.20
CA ASP A 415 17.73 -5.57 -18.17
C ASP A 415 17.87 -4.39 -17.17
N ALA A 416 17.18 -4.51 -16.02
CA ALA A 416 17.21 -3.53 -14.95
C ALA A 416 18.56 -3.54 -14.28
N HIS A 417 19.11 -2.34 -14.02
CA HIS A 417 20.39 -2.18 -13.33
C HIS A 417 20.13 -1.57 -11.97
N LEU A 418 20.12 -2.44 -10.95
CA LEU A 418 19.91 -2.10 -9.56
C LEU A 418 21.17 -1.46 -9.03
N THR A 419 21.03 -0.39 -8.24
CA THR A 419 22.12 0.33 -7.61
C THR A 419 22.40 -0.40 -6.28
N GLU A 420 23.69 -0.59 -5.93
CA GLU A 420 24.05 -1.23 -4.67
C GLU A 420 24.56 -0.19 -3.69
N LEU A 421 24.06 -0.23 -2.46
CA LEU A 421 24.44 0.70 -1.40
C LEU A 421 25.89 0.59 -1.06
N ALA A 422 26.52 1.73 -0.85
CA ALA A 422 27.89 1.81 -0.40
C ALA A 422 27.89 1.58 1.10
N ASP A 423 29.05 1.23 1.72
CA ASP A 423 29.12 1.00 3.16
C ASP A 423 28.66 2.25 3.93
N ASP A 424 29.07 3.46 3.48
CA ASP A 424 28.68 4.76 4.04
C ASP A 424 27.17 5.01 3.89
N GLN A 425 26.58 4.62 2.74
CA GLN A 425 25.15 4.77 2.43
C GLN A 425 24.30 3.82 3.30
N ALA A 426 24.67 2.53 3.34
CA ALA A 426 23.95 1.52 4.12
C ALA A 426 24.11 1.77 5.64
N LYS A 427 25.14 2.53 6.07
CA LYS A 427 25.36 2.92 7.47
C LYS A 427 24.43 4.08 7.86
N TYR A 428 24.21 5.03 6.92
CA TYR A 428 23.35 6.21 7.08
C TYR A 428 21.90 5.79 7.37
N LEU A 429 21.40 4.80 6.62
CA LEU A 429 20.12 4.14 6.82
C LEU A 429 20.44 2.90 7.67
N GLY A 430 19.57 2.54 8.62
CA GLY A 430 19.82 1.36 9.43
C GLY A 430 19.44 0.15 8.61
N LEU A 431 20.23 -0.16 7.56
CA LEU A 431 19.94 -1.24 6.62
C LEU A 431 21.18 -2.03 6.15
N ASN A 432 20.96 -3.31 5.74
CA ASN A 432 21.93 -4.21 5.11
C ASN A 432 21.97 -3.92 3.61
N LYS A 433 23.17 -3.97 2.99
CA LYS A 433 23.41 -3.69 1.57
C LYS A 433 22.49 -4.49 0.64
N ASN A 434 22.09 -5.70 1.07
CA ASN A 434 21.19 -6.61 0.35
C ASN A 434 19.95 -7.03 1.20
N GLY A 435 19.94 -6.66 2.49
CA GLY A 435 18.91 -7.01 3.45
C GLY A 435 17.60 -6.30 3.24
N PRO A 436 16.62 -6.36 4.19
CA PRO A 436 15.33 -5.67 3.97
C PRO A 436 15.53 -4.16 3.83
N PHE A 437 14.91 -3.56 2.79
CA PHE A 437 15.10 -2.13 2.48
C PHE A 437 13.99 -1.23 3.01
N LYS A 438 12.82 -1.81 3.26
CA LYS A 438 11.66 -1.06 3.75
C LYS A 438 11.16 -1.56 5.13
N PRO A 439 10.50 -0.66 5.92
CA PRO A 439 9.87 -1.11 7.19
C PRO A 439 8.67 -2.02 6.89
N ASN A 440 8.09 -2.68 7.92
CA ASN A 440 6.96 -3.61 7.74
C ASN A 440 5.68 -2.93 7.23
N TYR A 441 5.36 -1.74 7.73
CA TYR A 441 4.16 -1.00 7.35
C TYR A 441 4.26 -0.35 5.92
N TYR A 442 5.37 -0.56 5.18
CA TYR A 442 5.56 0.02 3.84
C TYR A 442 4.54 -0.57 2.86
N ARG A 443 3.69 0.32 2.31
CA ARG A 443 2.58 0.01 1.40
C ARG A 443 3.01 -0.03 -0.06
N TYR A 444 4.16 0.60 -0.40
CA TYR A 444 4.71 0.70 -1.76
C TYR A 444 3.76 1.53 -2.64
N GLY B 15 -6.32 37.77 35.14
CA GLY B 15 -4.94 37.89 35.59
C GLY B 15 -4.08 36.75 35.11
N SER B 16 -3.85 36.68 33.77
CA SER B 16 -3.05 35.67 33.06
C SER B 16 -1.55 35.84 33.31
N SER B 17 -0.89 34.76 33.79
CA SER B 17 0.55 34.72 34.12
C SER B 17 1.33 33.62 33.38
N ASN B 18 0.79 32.38 33.40
CA ASN B 18 1.39 31.16 32.87
C ASN B 18 1.45 31.14 31.33
N PHE B 19 2.46 31.82 30.76
CA PHE B 19 2.73 31.91 29.31
C PHE B 19 3.96 32.79 29.03
N CYS B 20 4.48 32.72 27.78
CA CYS B 20 5.59 33.56 27.35
C CYS B 20 5.51 33.82 25.83
N VAL B 21 4.85 34.93 25.48
CA VAL B 21 4.64 35.45 24.13
C VAL B 21 4.95 36.95 24.16
N LYS B 22 5.03 37.65 23.01
CA LYS B 22 5.30 39.09 23.01
C LYS B 22 3.96 39.92 22.89
N ASN B 23 2.86 39.40 23.50
CA ASN B 23 1.47 39.91 23.54
C ASN B 23 1.38 41.42 23.82
N ILE B 24 0.76 42.15 22.87
CA ILE B 24 0.47 43.59 22.96
C ILE B 24 -1.03 43.74 22.68
N LYS B 25 -1.86 43.12 23.56
CA LYS B 25 -3.33 43.03 23.47
C LYS B 25 -3.74 42.34 22.14
N GLN B 26 -2.79 41.55 21.56
CA GLN B 26 -2.89 40.82 20.30
C GLN B 26 -3.94 39.68 20.34
N ALA B 27 -4.41 39.29 21.56
CA ALA B 27 -5.40 38.23 21.79
C ALA B 27 -6.74 38.47 21.08
N GLU B 28 -7.14 39.75 20.93
CA GLU B 28 -8.38 40.16 20.26
C GLU B 28 -8.27 39.92 18.75
N PHE B 29 -7.10 40.26 18.13
CA PHE B 29 -6.86 40.03 16.70
C PHE B 29 -6.50 38.55 16.44
N GLY B 30 -5.73 37.98 17.36
CA GLY B 30 -5.26 36.59 17.29
C GLY B 30 -6.38 35.59 17.11
N ARG B 31 -7.44 35.71 17.92
CA ARG B 31 -8.59 34.81 17.86
C ARG B 31 -9.41 35.05 16.58
N ARG B 32 -9.35 36.27 16.00
CA ARG B 32 -10.04 36.58 14.75
C ARG B 32 -9.41 35.82 13.57
N GLU B 33 -8.08 35.55 13.63
CA GLU B 33 -7.39 34.75 12.61
C GLU B 33 -7.63 33.25 12.85
N ILE B 34 -7.88 32.86 14.11
CA ILE B 34 -8.23 31.49 14.51
C ILE B 34 -9.67 31.22 14.04
N GLU B 35 -10.57 32.24 14.16
CA GLU B 35 -11.98 32.22 13.74
C GLU B 35 -12.09 31.90 12.25
N ILE B 36 -11.16 32.43 11.43
CA ILE B 36 -11.05 32.17 10.00
C ILE B 36 -10.57 30.71 9.84
N ALA B 37 -9.55 30.28 10.63
CA ALA B 37 -9.01 28.92 10.60
C ALA B 37 -10.07 27.88 11.00
N GLU B 38 -10.84 28.16 12.07
CA GLU B 38 -11.94 27.34 12.58
C GLU B 38 -12.99 27.09 11.48
N GLN B 39 -13.27 28.11 10.64
CA GLN B 39 -14.17 28.02 9.49
C GLN B 39 -13.60 27.06 8.44
N ASP B 40 -12.27 27.01 8.31
CA ASP B 40 -11.58 26.18 7.34
C ASP B 40 -11.23 24.77 7.86
N MET B 41 -11.30 24.49 9.18
CA MET B 41 -11.08 23.11 9.62
C MET B 41 -12.24 22.59 10.51
N SER B 42 -13.45 22.57 9.91
CA SER B 42 -14.73 22.12 10.50
C SER B 42 -14.75 20.62 10.86
N ALA B 43 -13.70 19.87 10.50
CA ALA B 43 -13.50 18.45 10.82
C ALA B 43 -13.13 18.31 12.29
N LEU B 44 -12.25 19.21 12.79
CA LEU B 44 -11.79 19.21 14.20
C LEU B 44 -12.88 19.74 15.11
N ILE B 45 -13.66 20.73 14.64
CA ILE B 45 -14.77 21.31 15.40
C ILE B 45 -15.87 20.24 15.55
N SER B 46 -16.02 19.37 14.53
CA SER B 46 -16.96 18.26 14.57
C SER B 46 -16.51 17.22 15.61
N LEU B 47 -15.21 16.88 15.62
CA LEU B 47 -14.60 15.98 16.60
C LEU B 47 -14.73 16.59 18.00
N ARG B 48 -14.53 17.91 18.10
CA ARG B 48 -14.68 18.68 19.34
C ARG B 48 -16.12 18.51 19.82
N LYS B 49 -17.12 18.79 18.97
CA LYS B 49 -18.55 18.63 19.23
C LYS B 49 -18.93 17.17 19.57
N ARG B 50 -18.55 16.20 18.71
CA ARG B 50 -18.86 14.77 18.87
C ARG B 50 -18.25 14.16 20.16
N ALA B 51 -16.95 14.43 20.42
CA ALA B 51 -16.23 13.89 21.59
C ALA B 51 -16.47 14.68 22.88
N GLN B 52 -17.15 15.87 22.80
CA GLN B 52 -17.49 16.70 23.97
C GLN B 52 -18.52 15.99 24.83
N GLY B 53 -18.46 16.26 26.14
CA GLY B 53 -19.33 15.65 27.14
C GLY B 53 -18.68 14.45 27.79
N GLU B 54 -18.16 13.54 26.95
CA GLU B 54 -17.46 12.32 27.35
C GLU B 54 -16.14 12.63 28.04
N LYS B 55 -15.43 13.70 27.55
CA LYS B 55 -14.11 14.17 28.01
C LYS B 55 -13.09 13.01 27.98
N PRO B 56 -12.65 12.56 26.78
CA PRO B 56 -11.70 11.43 26.74
C PRO B 56 -10.27 11.82 27.17
N LEU B 57 -10.02 13.13 27.33
CA LEU B 57 -8.72 13.66 27.73
C LEU B 57 -8.82 14.35 29.10
N ALA B 58 -9.83 13.96 29.91
CA ALA B 58 -10.05 14.47 31.26
C ALA B 58 -8.83 14.17 32.12
N GLY B 59 -8.16 15.23 32.56
CA GLY B 59 -6.95 15.13 33.36
C GLY B 59 -5.65 15.05 32.59
N ALA B 60 -5.70 14.75 31.27
CA ALA B 60 -4.50 14.65 30.43
C ALA B 60 -3.67 15.91 30.52
N LYS B 61 -2.39 15.75 30.83
CA LYS B 61 -1.44 16.85 30.96
C LYS B 61 -0.51 16.72 29.79
N ILE B 62 -0.87 17.39 28.69
CA ILE B 62 -0.15 17.35 27.43
C ILE B 62 0.88 18.46 27.34
N VAL B 63 2.07 18.04 26.96
CA VAL B 63 3.24 18.86 26.69
C VAL B 63 3.42 18.78 25.16
N GLY B 64 3.11 19.89 24.48
CA GLY B 64 3.18 19.96 23.03
C GLY B 64 4.35 20.75 22.50
N CYS B 65 4.82 20.35 21.31
CA CYS B 65 5.91 21.00 20.59
C CYS B 65 5.67 20.90 19.12
N THR B 66 5.07 21.94 18.55
CA THR B 66 4.74 22.02 17.13
C THR B 66 4.67 23.49 16.69
N HIS B 67 4.37 23.73 15.40
CA HIS B 67 4.22 25.06 14.83
C HIS B 67 3.05 25.80 15.46
N ILE B 68 3.27 27.03 15.98
CA ILE B 68 2.17 27.77 16.60
C ILE B 68 1.49 28.63 15.52
N THR B 69 0.52 28.04 14.83
CA THR B 69 -0.25 28.72 13.77
C THR B 69 -1.74 28.77 14.14
N ALA B 70 -2.54 29.51 13.34
CA ALA B 70 -3.99 29.63 13.53
C ALA B 70 -4.69 28.27 13.39
N GLN B 71 -4.13 27.36 12.58
CA GLN B 71 -4.66 26.00 12.39
C GLN B 71 -4.36 25.14 13.63
N THR B 72 -3.12 25.22 14.13
CA THR B 72 -2.65 24.52 15.32
C THR B 72 -3.50 24.91 16.52
N ALA B 73 -3.84 26.21 16.64
CA ALA B 73 -4.69 26.73 17.71
C ALA B 73 -6.00 25.96 17.79
N VAL B 74 -6.59 25.62 16.63
CA VAL B 74 -7.83 24.85 16.54
C VAL B 74 -7.59 23.45 17.15
N LEU B 75 -6.38 22.87 17.02
CA LEU B 75 -6.09 21.57 17.62
C LEU B 75 -5.93 21.70 19.13
N ILE B 76 -5.11 22.67 19.61
CA ILE B 76 -4.83 22.95 21.03
C ILE B 76 -6.13 23.32 21.72
N GLU B 77 -6.94 24.23 21.12
CA GLU B 77 -8.22 24.64 21.69
C GLU B 77 -9.24 23.48 21.66
N THR B 78 -9.03 22.46 20.80
CA THR B 78 -9.86 21.24 20.71
C THR B 78 -9.40 20.29 21.82
N LEU B 79 -8.07 20.06 21.94
CA LEU B 79 -7.46 19.19 22.94
C LEU B 79 -7.90 19.62 24.33
N CYS B 80 -7.81 20.95 24.62
CA CYS B 80 -8.22 21.60 25.86
C CYS B 80 -9.75 21.52 26.03
N ALA B 81 -10.53 21.49 24.91
CA ALA B 81 -12.00 21.37 24.97
C ALA B 81 -12.45 19.93 25.27
N LEU B 82 -11.54 18.94 25.13
CA LEU B 82 -11.84 17.54 25.44
C LEU B 82 -11.32 17.16 26.87
N GLY B 83 -11.00 18.19 27.66
CA GLY B 83 -10.59 18.09 29.06
C GLY B 83 -9.11 18.09 29.37
N ALA B 84 -8.24 18.37 28.37
CA ALA B 84 -6.79 18.35 28.57
C ALA B 84 -6.20 19.69 29.08
N GLN B 85 -5.07 19.59 29.81
CA GLN B 85 -4.29 20.72 30.34
C GLN B 85 -3.21 21.00 29.32
N CYS B 86 -3.30 22.14 28.61
CA CYS B 86 -2.35 22.44 27.54
C CYS B 86 -1.18 23.36 27.97
N ARG B 87 0.03 22.79 27.89
CA ARG B 87 1.34 23.44 28.09
C ARG B 87 2.04 23.25 26.78
N TRP B 88 2.34 24.36 26.06
CA TRP B 88 2.86 24.25 24.70
C TRP B 88 4.11 25.05 24.41
N SER B 89 4.85 24.58 23.37
CA SER B 89 6.05 25.18 22.80
C SER B 89 6.03 25.12 21.26
N ALA B 90 6.90 25.92 20.62
CA ALA B 90 7.09 25.97 19.17
C ALA B 90 8.20 25.00 18.79
N CYS B 91 7.98 24.15 17.75
CA CYS B 91 8.98 23.17 17.30
C CYS B 91 10.06 23.82 16.41
N ASN B 92 9.80 25.05 15.93
CA ASN B 92 10.68 25.87 15.10
C ASN B 92 10.84 27.26 15.73
N ILE B 93 11.99 27.94 15.49
CA ILE B 93 12.27 29.26 16.08
C ILE B 93 11.74 30.45 15.23
N TYR B 94 11.20 30.20 14.00
CA TYR B 94 10.67 31.25 13.12
C TYR B 94 9.20 31.08 12.73
N SER B 95 8.61 29.87 12.91
CA SER B 95 7.24 29.54 12.48
C SER B 95 6.09 30.11 13.38
N THR B 96 6.41 30.63 14.57
CA THR B 96 5.37 31.12 15.49
C THR B 96 4.67 32.37 14.98
N GLN B 97 3.33 32.25 14.86
CA GLN B 97 2.39 33.30 14.52
C GLN B 97 2.04 33.94 15.85
N ASN B 98 2.89 34.87 16.30
CA ASN B 98 2.79 35.53 17.60
C ASN B 98 1.39 35.98 18.01
N GLU B 99 0.64 36.60 17.09
CA GLU B 99 -0.73 37.08 17.29
C GLU B 99 -1.66 35.93 17.73
N VAL B 100 -1.54 34.72 17.10
CA VAL B 100 -2.37 33.55 17.50
C VAL B 100 -1.82 32.97 18.84
N ALA B 101 -0.49 33.02 19.05
CA ALA B 101 0.15 32.56 20.28
C ALA B 101 -0.38 33.37 21.46
N ALA B 102 -0.47 34.72 21.28
CA ALA B 102 -1.02 35.67 22.25
C ALA B 102 -2.51 35.43 22.50
N ALA B 103 -3.23 34.91 21.49
CA ALA B 103 -4.64 34.57 21.63
C ALA B 103 -4.78 33.34 22.53
N LEU B 104 -3.93 32.31 22.32
CA LEU B 104 -3.89 31.07 23.11
C LEU B 104 -3.65 31.35 24.60
N ALA B 105 -2.73 32.30 24.91
CA ALA B 105 -2.34 32.74 26.26
C ALA B 105 -3.55 33.23 27.07
N GLU B 106 -4.42 34.05 26.45
CA GLU B 106 -5.66 34.60 27.01
C GLU B 106 -6.70 33.48 27.29
N ALA B 107 -6.79 32.48 26.38
CA ALA B 107 -7.71 31.34 26.49
C ALA B 107 -7.36 30.39 27.66
N GLY B 108 -6.16 30.52 28.22
CA GLY B 108 -5.71 29.70 29.33
C GLY B 108 -4.58 28.76 29.00
N VAL B 109 -4.20 28.69 27.70
CA VAL B 109 -3.14 27.83 27.20
C VAL B 109 -1.78 28.41 27.58
N ALA B 110 -0.97 27.59 28.26
CA ALA B 110 0.40 27.92 28.67
C ALA B 110 1.33 27.84 27.46
N VAL B 111 1.31 28.90 26.64
CA VAL B 111 2.10 29.00 25.41
C VAL B 111 3.38 29.84 25.65
N PHE B 112 4.54 29.22 25.37
CA PHE B 112 5.90 29.79 25.48
C PHE B 112 6.54 29.71 24.11
N ALA B 113 6.28 30.74 23.27
CA ALA B 113 6.74 30.78 21.88
C ALA B 113 6.59 32.16 21.25
N TRP B 114 7.52 32.50 20.35
CA TRP B 114 7.54 33.75 19.60
C TRP B 114 8.39 33.60 18.34
N LYS B 115 8.11 34.42 17.32
CA LYS B 115 8.91 34.46 16.10
C LYS B 115 10.25 35.14 16.43
N GLY B 116 11.32 34.63 15.81
CA GLY B 116 12.66 35.16 15.97
C GLY B 116 13.29 34.85 17.31
N GLU B 117 12.96 33.68 17.89
CA GLU B 117 13.55 33.24 19.16
C GLU B 117 14.88 32.59 18.83
N SER B 118 15.85 32.69 19.75
CA SER B 118 17.18 32.12 19.55
C SER B 118 17.17 30.62 19.85
N GLU B 119 18.33 29.95 19.72
CA GLU B 119 18.43 28.53 20.04
C GLU B 119 18.37 28.33 21.57
N ASP B 120 18.75 29.35 22.35
CA ASP B 120 18.67 29.30 23.82
C ASP B 120 17.22 29.54 24.27
N ASP B 121 16.51 30.50 23.63
CA ASP B 121 15.09 30.77 23.89
C ASP B 121 14.25 29.53 23.60
N PHE B 122 14.64 28.79 22.54
CA PHE B 122 14.00 27.56 22.07
C PHE B 122 13.97 26.49 23.15
N TRP B 123 15.14 26.15 23.72
CA TRP B 123 15.24 25.13 24.75
C TRP B 123 14.65 25.61 26.08
N TRP B 124 14.69 26.94 26.32
CA TRP B 124 14.11 27.61 27.48
C TRP B 124 12.58 27.42 27.51
N CYS B 125 11.92 27.54 26.33
CA CYS B 125 10.46 27.41 26.16
C CYS B 125 10.00 25.97 26.37
N ILE B 126 10.80 25.00 25.91
CA ILE B 126 10.56 23.56 26.07
C ILE B 126 10.68 23.24 27.56
N ASP B 127 11.58 23.94 28.28
CA ASP B 127 11.76 23.78 29.71
C ASP B 127 10.51 24.22 30.46
N ARG B 128 10.13 25.52 30.35
CA ARG B 128 8.98 26.16 31.00
C ARG B 128 7.66 25.44 30.70
N CYS B 129 7.71 24.56 29.72
CA CYS B 129 6.60 23.75 29.26
C CYS B 129 6.51 22.45 30.06
N VAL B 130 7.68 21.86 30.42
CA VAL B 130 7.78 20.58 31.14
C VAL B 130 7.68 20.77 32.68
N ASN B 131 8.56 21.60 33.28
CA ASN B 131 8.58 21.80 34.74
C ASN B 131 7.97 23.13 35.19
N MET B 132 7.27 23.07 36.34
CA MET B 132 6.61 24.21 36.98
C MET B 132 6.57 23.99 38.50
N GLN B 136 3.16 16.85 36.45
CA GLN B 136 2.91 15.43 36.16
C GLN B 136 2.33 15.27 34.73
N ALA B 137 3.17 15.46 33.69
CA ALA B 137 2.80 15.37 32.29
C ALA B 137 2.52 13.93 31.85
N ASN B 138 1.28 13.68 31.42
CA ASN B 138 0.79 12.39 30.93
C ASN B 138 1.39 12.04 29.58
N MET B 139 1.05 12.87 28.60
CA MET B 139 1.37 12.69 27.19
C MET B 139 2.27 13.78 26.62
N ILE B 140 2.88 13.47 25.48
CA ILE B 140 3.72 14.36 24.69
C ILE B 140 3.30 14.27 23.21
N LEU B 141 2.95 15.43 22.64
CA LEU B 141 2.61 15.61 21.23
C LEU B 141 3.79 16.33 20.60
N ASP B 142 4.53 15.66 19.71
CA ASP B 142 5.71 16.31 19.17
C ASP B 142 5.76 16.32 17.64
N ASP B 143 6.49 17.31 17.13
CA ASP B 143 6.78 17.51 15.72
C ASP B 143 8.27 17.83 15.64
N GLY B 144 9.08 16.77 15.54
CA GLY B 144 10.53 16.88 15.47
C GLY B 144 11.25 15.91 16.39
N GLY B 145 10.78 15.80 17.62
CA GLY B 145 11.37 14.90 18.61
C GLY B 145 12.40 15.55 19.51
N ASP B 146 12.56 16.89 19.40
CA ASP B 146 13.48 17.71 20.20
C ASP B 146 13.01 17.80 21.64
N LEU B 147 11.68 17.90 21.84
CA LEU B 147 11.04 17.95 23.14
C LEU B 147 11.08 16.56 23.80
N THR B 148 10.87 15.50 23.00
CA THR B 148 10.89 14.10 23.42
C THR B 148 12.31 13.71 23.91
N HIS B 149 13.35 14.12 23.15
CA HIS B 149 14.76 13.85 23.48
C HIS B 149 15.21 14.65 24.68
N TRP B 150 14.64 15.86 24.88
CA TRP B 150 14.96 16.72 26.02
C TRP B 150 14.37 16.12 27.30
N VAL B 151 13.21 15.44 27.21
CA VAL B 151 12.59 14.77 28.35
C VAL B 151 13.29 13.39 28.52
N TYR B 152 14.04 12.92 27.50
CA TYR B 152 14.78 11.66 27.55
C TYR B 152 16.15 11.81 28.26
N LYS B 153 16.79 13.01 28.21
CA LYS B 153 18.11 13.24 28.81
C LYS B 153 18.09 14.23 30.02
N LYS B 154 16.95 14.88 30.33
CA LYS B 154 16.88 15.81 31.46
C LYS B 154 15.90 15.33 32.56
N TYR B 155 14.74 14.75 32.20
CA TYR B 155 13.74 14.27 33.17
C TYR B 155 13.37 12.80 32.86
N PRO B 156 14.24 11.80 33.15
CA PRO B 156 13.92 10.41 32.79
C PRO B 156 12.83 9.77 33.65
N ASN B 157 12.62 10.28 34.88
CA ASN B 157 11.59 9.75 35.77
C ASN B 157 10.21 10.26 35.34
N VAL B 158 10.18 11.43 34.67
CA VAL B 158 8.96 12.01 34.11
C VAL B 158 8.65 11.24 32.81
N PHE B 159 9.72 10.87 32.06
CA PHE B 159 9.73 10.14 30.81
C PHE B 159 9.19 8.71 30.94
N LYS B 160 9.62 7.96 31.99
CA LYS B 160 9.17 6.58 32.22
C LYS B 160 7.70 6.52 32.68
N LYS B 161 7.18 7.63 33.27
CA LYS B 161 5.80 7.75 33.74
C LYS B 161 4.83 8.18 32.61
N ILE B 162 5.36 8.53 31.41
CA ILE B 162 4.57 8.96 30.25
C ILE B 162 3.81 7.77 29.65
N ARG B 163 2.48 7.96 29.45
CA ARG B 163 1.54 6.99 28.88
C ARG B 163 1.73 6.80 27.35
N GLY B 164 2.21 7.83 26.65
CA GLY B 164 2.43 7.75 25.20
C GLY B 164 3.01 8.97 24.51
N ILE B 165 3.86 8.72 23.49
CA ILE B 165 4.49 9.75 22.65
C ILE B 165 3.81 9.73 21.29
N VAL B 166 3.24 10.88 20.89
CA VAL B 166 2.57 11.01 19.59
C VAL B 166 3.50 11.84 18.72
N GLU B 167 4.13 11.19 17.71
CA GLU B 167 5.09 11.87 16.84
C GLU B 167 4.64 11.90 15.37
N GLU B 168 4.72 13.09 14.75
CA GLU B 168 4.33 13.31 13.36
C GLU B 168 5.54 13.46 12.41
N SER B 169 6.75 13.70 12.94
CA SER B 169 7.96 13.90 12.12
C SER B 169 8.69 12.62 11.77
N VAL B 170 9.23 12.60 10.54
CA VAL B 170 9.99 11.54 9.88
C VAL B 170 11.21 11.18 10.73
N THR B 171 12.02 12.18 11.10
CA THR B 171 13.22 12.01 11.90
C THR B 171 12.86 11.66 13.36
N GLY B 172 11.82 12.30 13.90
CA GLY B 172 11.36 12.09 15.27
C GLY B 172 10.92 10.67 15.53
N VAL B 173 10.21 10.11 14.53
CA VAL B 173 9.68 8.74 14.49
C VAL B 173 10.87 7.76 14.32
N HIS B 174 11.88 8.14 13.51
CA HIS B 174 13.10 7.35 13.26
C HIS B 174 13.90 7.25 14.56
N ARG B 175 13.93 8.36 15.35
CA ARG B 175 14.59 8.44 16.65
C ARG B 175 13.92 7.50 17.64
N LEU B 176 12.58 7.31 17.53
CA LEU B 176 11.79 6.43 18.38
C LEU B 176 12.03 4.97 17.99
N TYR B 177 12.11 4.67 16.67
CA TYR B 177 12.41 3.33 16.15
C TYR B 177 13.86 2.94 16.47
N GLN B 178 14.72 3.96 16.69
CA GLN B 178 16.12 3.81 17.06
C GLN B 178 16.19 3.28 18.49
N LEU B 179 15.47 3.94 19.44
CA LEU B 179 15.38 3.56 20.85
C LEU B 179 14.81 2.15 20.95
N SER B 180 13.68 1.90 20.27
CA SER B 180 13.02 0.60 20.20
C SER B 180 13.95 -0.44 19.56
N LYS B 181 13.87 -1.70 20.01
CA LYS B 181 14.67 -2.86 19.56
C LYS B 181 16.14 -2.74 20.03
N ALA B 182 16.72 -1.51 20.00
CA ALA B 182 18.09 -1.25 20.46
C ALA B 182 18.18 -1.16 22.01
N GLY B 183 17.06 -1.44 22.68
CA GLY B 183 16.93 -1.46 24.12
C GLY B 183 17.05 -0.11 24.81
N LYS B 184 16.08 0.80 24.55
CA LYS B 184 16.07 2.13 25.17
C LYS B 184 14.65 2.68 25.34
N LEU B 185 13.71 2.34 24.42
CA LEU B 185 12.32 2.80 24.46
C LEU B 185 11.54 2.04 25.51
N CYS B 186 11.07 2.77 26.54
CA CYS B 186 10.33 2.21 27.69
C CYS B 186 8.95 2.88 27.84
N VAL B 187 8.40 3.36 26.72
CA VAL B 187 7.11 4.06 26.64
C VAL B 187 6.48 3.79 25.25
N PRO B 188 5.18 3.39 25.18
CA PRO B 188 4.56 3.12 23.87
C PRO B 188 4.41 4.40 23.03
N ALA B 189 4.72 4.30 21.73
CA ALA B 189 4.64 5.47 20.84
C ALA B 189 3.63 5.29 19.71
N MET B 190 3.22 6.41 19.10
CA MET B 190 2.30 6.48 17.96
C MET B 190 2.97 7.21 16.80
N ASN B 191 3.16 6.49 15.68
CA ASN B 191 3.73 7.00 14.43
C ASN B 191 2.59 7.54 13.60
N VAL B 192 2.34 8.87 13.68
CA VAL B 192 1.21 9.42 12.94
C VAL B 192 1.63 9.78 11.49
N ASN B 193 2.94 9.96 11.25
CA ASN B 193 3.51 10.22 9.93
C ASN B 193 3.18 9.09 8.93
N ASP B 194 3.32 7.84 9.40
CA ASP B 194 3.11 6.64 8.60
C ASP B 194 1.72 6.03 8.80
N SER B 195 0.84 6.69 9.59
CA SER B 195 -0.55 6.29 9.80
C SER B 195 -1.30 6.41 8.43
N VAL B 196 -2.19 5.45 8.10
CA VAL B 196 -2.86 5.34 6.78
C VAL B 196 -3.43 6.68 6.25
N THR B 197 -4.54 7.20 6.81
CA THR B 197 -5.20 8.42 6.32
C THR B 197 -4.22 9.62 6.19
N LYS B 198 -3.34 9.85 7.19
CA LYS B 198 -2.36 10.93 7.12
C LYS B 198 -1.34 10.68 6.00
N GLN B 199 -0.67 9.49 5.99
CA GLN B 199 0.35 9.16 4.98
C GLN B 199 -0.19 9.38 3.56
N LYS B 200 -1.39 8.82 3.26
CA LYS B 200 -2.04 8.90 1.97
C LYS B 200 -2.34 10.35 1.57
N PHE B 201 -2.74 11.17 2.54
CA PHE B 201 -3.06 12.55 2.23
C PHE B 201 -1.87 13.45 2.04
N ASP B 202 -0.78 13.19 2.79
CA ASP B 202 0.49 13.89 2.65
C ASP B 202 1.12 13.51 1.32
N ASN B 203 0.93 12.27 0.90
CA ASN B 203 1.36 11.75 -0.39
C ASN B 203 0.69 12.52 -1.52
N LEU B 204 -0.65 12.71 -1.45
CA LEU B 204 -1.39 13.45 -2.47
C LEU B 204 -0.88 14.89 -2.61
N TYR B 205 -0.59 15.56 -1.49
CA TYR B 205 -0.13 16.92 -1.52
C TYR B 205 1.28 17.01 -2.03
N CYS B 206 2.20 16.22 -1.44
CA CYS B 206 3.61 16.26 -1.81
C CYS B 206 3.88 15.69 -3.15
N CYS B 207 3.48 14.44 -3.38
CA CYS B 207 3.84 13.69 -4.56
C CYS B 207 2.84 13.82 -5.70
N ARG B 208 1.60 14.21 -5.45
CA ARG B 208 0.76 14.33 -6.62
C ARG B 208 0.64 15.80 -7.02
N GLU B 209 0.09 16.65 -6.12
CA GLU B 209 -0.17 18.06 -6.42
C GLU B 209 1.05 18.93 -6.59
N SER B 210 1.99 18.94 -5.63
CA SER B 210 3.07 19.92 -5.55
C SER B 210 4.38 19.48 -6.09
N ILE B 211 4.50 18.19 -6.43
CA ILE B 211 5.76 17.58 -6.75
C ILE B 211 6.72 18.44 -7.65
N LEU B 212 6.25 19.08 -8.74
CA LEU B 212 7.12 19.84 -9.63
C LEU B 212 6.99 21.34 -9.48
N ASP B 213 6.34 21.82 -8.42
CA ASP B 213 6.14 23.27 -8.27
C ASP B 213 7.42 24.04 -8.04
N GLY B 214 8.29 23.58 -7.14
CA GLY B 214 9.57 24.26 -6.86
C GLY B 214 10.47 24.27 -8.08
N LEU B 215 10.54 23.10 -8.77
CA LEU B 215 11.35 22.89 -9.97
C LEU B 215 10.83 23.76 -11.14
N LYS B 216 9.51 23.73 -11.40
CA LYS B 216 8.95 24.60 -12.45
C LYS B 216 9.17 26.10 -12.13
N ARG B 217 8.90 26.53 -10.88
CA ARG B 217 9.04 27.92 -10.42
C ARG B 217 10.45 28.50 -10.68
N THR B 218 11.49 27.73 -10.38
CA THR B 218 12.88 28.16 -10.44
C THR B 218 13.60 27.99 -11.77
N THR B 219 13.05 27.23 -12.75
CA THR B 219 13.85 26.92 -13.93
C THR B 219 13.52 27.64 -15.26
N ASP B 220 12.24 27.86 -15.63
CA ASP B 220 11.92 28.51 -16.94
C ASP B 220 12.40 27.71 -18.24
N VAL B 221 12.41 26.35 -18.18
CA VAL B 221 12.61 25.45 -19.33
C VAL B 221 11.38 24.53 -19.35
N MET B 222 11.01 23.95 -20.50
CA MET B 222 9.90 23.02 -20.49
C MET B 222 10.47 21.62 -20.43
N PHE B 223 9.84 20.73 -19.64
CA PHE B 223 10.29 19.36 -19.43
C PHE B 223 9.87 18.41 -20.55
N GLY B 224 8.93 18.80 -21.39
CA GLY B 224 8.54 18.01 -22.54
C GLY B 224 9.74 17.71 -23.40
N GLY B 225 9.89 16.45 -23.82
CA GLY B 225 11.00 16.02 -24.67
C GLY B 225 12.37 15.94 -24.03
N LYS B 226 12.49 16.29 -22.76
CA LYS B 226 13.75 16.28 -22.02
C LYS B 226 14.02 14.92 -21.42
N GLN B 227 15.27 14.68 -21.06
CA GLN B 227 15.70 13.46 -20.38
C GLN B 227 15.97 13.78 -18.93
N VAL B 228 15.32 13.03 -18.03
CA VAL B 228 15.42 13.21 -16.59
C VAL B 228 15.87 11.90 -15.92
N VAL B 229 16.60 12.04 -14.80
CA VAL B 229 16.99 10.93 -13.96
C VAL B 229 16.44 11.22 -12.55
N VAL B 230 15.58 10.34 -12.10
CA VAL B 230 14.99 10.45 -10.78
C VAL B 230 15.63 9.36 -9.94
N CYS B 231 16.32 9.76 -8.89
CA CYS B 231 17.02 8.81 -8.04
C CYS B 231 16.11 8.45 -6.90
N GLY B 232 15.60 7.21 -6.95
CA GLY B 232 14.67 6.69 -5.96
C GLY B 232 13.29 6.61 -6.54
N TYR B 233 12.60 5.48 -6.34
CA TYR B 233 11.25 5.26 -6.85
C TYR B 233 10.32 4.86 -5.72
N GLY B 234 10.37 5.64 -4.66
CA GLY B 234 9.50 5.52 -3.49
C GLY B 234 8.31 6.45 -3.69
N GLU B 235 7.79 7.06 -2.58
CA GLU B 235 6.62 7.94 -2.66
C GLU B 235 6.89 9.14 -3.54
N VAL B 236 7.98 9.87 -3.26
CA VAL B 236 8.38 11.07 -3.99
C VAL B 236 8.78 10.69 -5.44
N GLY B 237 9.63 9.68 -5.61
CA GLY B 237 10.07 9.22 -6.93
C GLY B 237 8.92 8.88 -7.85
N LYS B 238 7.94 8.07 -7.37
CA LYS B 238 6.75 7.66 -8.13
C LYS B 238 5.93 8.86 -8.55
N GLY B 239 5.76 9.82 -7.63
CA GLY B 239 5.00 11.05 -7.84
C GLY B 239 5.65 11.95 -8.86
N CYS B 240 6.95 12.13 -8.72
CA CYS B 240 7.82 12.91 -9.57
C CYS B 240 7.85 12.41 -10.99
N CYS B 241 8.09 11.10 -11.20
CA CYS B 241 8.17 10.44 -12.50
C CYS B 241 6.84 10.51 -13.27
N ALA B 242 5.71 10.28 -12.57
CA ALA B 242 4.37 10.36 -13.13
C ALA B 242 4.07 11.75 -13.67
N ALA B 243 4.43 12.80 -12.90
CA ALA B 243 4.24 14.20 -13.26
C ALA B 243 5.14 14.57 -14.43
N LEU B 244 6.39 14.10 -14.41
CA LEU B 244 7.34 14.30 -15.51
C LEU B 244 6.89 13.54 -16.73
N LYS B 245 6.40 12.30 -16.57
CA LYS B 245 5.86 11.47 -17.65
C LYS B 245 4.68 12.15 -18.29
N ALA B 246 3.82 12.76 -17.48
CA ALA B 246 2.62 13.47 -17.97
C ALA B 246 2.97 14.65 -18.90
N LEU B 247 4.11 15.33 -18.64
CA LEU B 247 4.62 16.47 -19.38
C LEU B 247 5.39 16.09 -20.66
N GLY B 248 5.65 14.80 -20.90
CA GLY B 248 6.31 14.36 -22.12
C GLY B 248 7.82 14.22 -21.99
N ALA B 249 8.31 14.13 -20.74
CA ALA B 249 9.72 13.99 -20.49
C ALA B 249 10.09 12.52 -20.59
N ILE B 250 11.37 12.21 -20.96
CA ILE B 250 11.90 10.86 -20.97
C ILE B 250 12.52 10.67 -19.59
N VAL B 251 11.95 9.79 -18.76
CA VAL B 251 12.40 9.59 -17.38
C VAL B 251 13.06 8.25 -17.24
N TYR B 252 14.22 8.24 -16.57
CA TYR B 252 15.05 7.08 -16.14
C TYR B 252 15.04 7.08 -14.61
N ILE B 253 15.19 5.90 -14.00
CA ILE B 253 15.15 5.73 -12.53
C ILE B 253 16.32 4.91 -12.04
N THR B 254 16.79 5.24 -10.84
CA THR B 254 17.80 4.51 -10.11
C THR B 254 17.14 4.02 -8.82
N GLU B 255 17.45 2.77 -8.40
CA GLU B 255 16.89 2.21 -7.18
C GLU B 255 17.82 1.24 -6.55
N ILE B 256 17.65 1.03 -5.24
CA ILE B 256 18.39 0.06 -4.44
C ILE B 256 17.43 -1.08 -4.06
N ASP B 257 16.11 -0.79 -4.08
CA ASP B 257 15.04 -1.72 -3.75
C ASP B 257 14.53 -2.43 -5.00
N PRO B 258 14.70 -3.77 -5.05
CA PRO B 258 14.24 -4.53 -6.23
C PRO B 258 12.72 -4.47 -6.45
N ILE B 259 11.92 -4.27 -5.38
CA ILE B 259 10.45 -4.19 -5.49
C ILE B 259 10.08 -2.90 -6.22
N CYS B 260 10.66 -1.76 -5.74
CA CYS B 260 10.49 -0.42 -6.31
C CYS B 260 11.04 -0.39 -7.74
N ALA B 261 12.19 -1.05 -8.01
CA ALA B 261 12.77 -1.14 -9.37
C ALA B 261 11.81 -1.90 -10.32
N LEU B 262 11.27 -3.07 -9.88
CA LEU B 262 10.32 -3.82 -10.68
C LEU B 262 9.07 -2.98 -10.96
N GLN B 263 8.67 -2.17 -9.95
CA GLN B 263 7.53 -1.26 -10.08
C GLN B 263 7.77 -0.24 -11.19
N ALA B 264 9.00 0.32 -11.29
CA ALA B 264 9.45 1.29 -12.31
C ALA B 264 9.43 0.70 -13.70
N CYS B 265 9.96 -0.55 -13.85
CA CYS B 265 10.03 -1.33 -15.09
C CYS B 265 8.66 -1.46 -15.68
N MET B 266 7.71 -1.87 -14.83
CA MET B 266 6.33 -2.12 -15.17
C MET B 266 5.57 -0.85 -15.45
N ASP B 267 6.05 0.30 -14.96
CA ASP B 267 5.49 1.63 -15.20
C ASP B 267 6.10 2.32 -16.45
N GLY B 268 6.92 1.54 -17.18
CA GLY B 268 7.58 1.95 -18.41
C GLY B 268 8.78 2.84 -18.26
N PHE B 269 9.51 2.69 -17.14
CA PHE B 269 10.77 3.40 -16.92
C PHE B 269 11.93 2.40 -16.92
N ARG B 270 13.09 2.89 -17.35
CA ARG B 270 14.35 2.17 -17.36
C ARG B 270 14.98 2.33 -15.99
N VAL B 271 15.42 1.20 -15.39
CA VAL B 271 16.13 1.13 -14.11
C VAL B 271 17.60 1.02 -14.46
N VAL B 272 18.31 2.14 -14.20
CA VAL B 272 19.72 2.30 -14.53
C VAL B 272 20.57 2.61 -13.26
N LYS B 273 21.90 2.53 -13.43
CA LYS B 273 22.93 2.99 -12.49
C LYS B 273 23.15 4.45 -12.88
N LEU B 274 23.20 5.40 -11.92
CA LEU B 274 23.29 6.83 -12.25
C LEU B 274 24.32 7.16 -13.39
N ASN B 275 25.48 6.47 -13.42
CA ASN B 275 26.54 6.70 -14.41
C ASN B 275 26.13 6.42 -15.89
N GLU B 276 25.19 5.49 -16.12
CA GLU B 276 24.76 5.14 -17.47
C GLU B 276 24.05 6.28 -18.19
N VAL B 277 23.45 7.24 -17.45
CA VAL B 277 22.68 8.33 -18.04
C VAL B 277 23.20 9.72 -17.62
N ILE B 278 24.07 9.80 -16.59
CA ILE B 278 24.63 11.04 -15.99
C ILE B 278 25.14 12.08 -17.04
N ARG B 279 25.66 11.60 -18.18
CA ARG B 279 26.22 12.46 -19.22
C ARG B 279 25.19 12.99 -20.26
N GLN B 280 23.96 12.46 -20.28
CA GLN B 280 23.00 12.86 -21.31
C GLN B 280 21.74 13.59 -20.77
N VAL B 281 21.34 13.29 -19.52
CA VAL B 281 20.14 13.83 -18.83
C VAL B 281 20.28 15.37 -18.67
N ASP B 282 19.17 16.09 -18.90
CA ASP B 282 19.01 17.55 -18.78
C ASP B 282 18.70 17.95 -17.33
N VAL B 283 18.16 16.97 -16.56
CA VAL B 283 17.70 17.18 -15.18
C VAL B 283 18.06 15.94 -14.33
N VAL B 284 18.62 16.16 -13.10
CA VAL B 284 18.97 15.11 -12.12
C VAL B 284 18.13 15.38 -10.85
N ILE B 285 17.27 14.41 -10.44
CA ILE B 285 16.43 14.58 -9.24
C ILE B 285 16.73 13.49 -8.21
N THR B 286 17.05 13.89 -6.97
CA THR B 286 17.27 12.95 -5.88
C THR B 286 16.06 12.96 -4.94
N CYS B 287 15.57 11.75 -4.61
CA CYS B 287 14.48 11.54 -3.67
C CYS B 287 14.65 10.18 -3.01
N THR B 288 15.82 10.01 -2.35
CA THR B 288 16.22 8.73 -1.78
C THR B 288 16.18 8.70 -0.25
N GLY B 289 16.51 9.83 0.38
CA GLY B 289 16.64 9.95 1.84
C GLY B 289 18.02 9.53 2.31
N ASN B 290 18.95 9.40 1.34
CA ASN B 290 20.32 8.93 1.52
C ASN B 290 21.34 10.04 1.27
N LYS B 291 22.59 9.75 1.53
CA LYS B 291 23.69 10.71 1.33
C LYS B 291 24.63 10.17 0.25
N ASN B 292 25.20 11.10 -0.57
CA ASN B 292 26.16 10.82 -1.64
C ASN B 292 25.57 9.91 -2.72
N VAL B 293 24.41 10.35 -3.25
CA VAL B 293 23.67 9.71 -4.34
C VAL B 293 24.27 10.33 -5.63
N VAL B 294 24.39 11.68 -5.62
CA VAL B 294 25.02 12.50 -6.66
C VAL B 294 26.32 13.03 -6.05
N THR B 295 27.46 12.43 -6.46
CA THR B 295 28.81 12.72 -5.95
C THR B 295 29.55 13.70 -6.83
N ARG B 296 30.79 14.07 -6.46
CA ARG B 296 31.63 15.00 -7.22
C ARG B 296 31.80 14.50 -8.66
N GLU B 297 32.08 13.20 -8.81
CA GLU B 297 32.28 12.49 -10.08
C GLU B 297 31.02 12.63 -10.99
N HIS B 298 29.80 12.53 -10.40
CA HIS B 298 28.52 12.69 -11.13
C HIS B 298 28.31 14.13 -11.62
N LEU B 299 28.67 15.12 -10.79
CA LEU B 299 28.51 16.53 -11.14
C LEU B 299 29.55 16.95 -12.18
N ASP B 300 30.66 16.21 -12.27
CA ASP B 300 31.74 16.44 -13.22
C ASP B 300 31.40 15.87 -14.61
N ARG B 301 30.54 14.83 -14.68
CA ARG B 301 30.15 14.15 -15.92
C ARG B 301 28.89 14.76 -16.55
N MET B 302 28.05 15.45 -15.76
CA MET B 302 26.83 16.09 -16.26
C MET B 302 27.13 17.04 -17.41
N LYS B 303 26.27 17.04 -18.45
CA LYS B 303 26.41 17.95 -19.58
C LYS B 303 26.10 19.38 -19.12
N ASN B 304 26.68 20.37 -19.81
CA ASN B 304 26.47 21.79 -19.53
C ASN B 304 24.95 22.09 -19.40
N SER B 305 24.58 22.99 -18.45
CA SER B 305 23.20 23.47 -18.13
C SER B 305 22.25 22.41 -17.42
N CYS B 306 22.72 21.16 -17.19
CA CYS B 306 22.00 20.10 -16.49
C CYS B 306 21.46 20.64 -15.16
N ILE B 307 20.12 20.54 -14.94
CA ILE B 307 19.48 21.00 -13.70
C ILE B 307 19.70 19.95 -12.62
N VAL B 308 20.14 20.36 -11.45
CA VAL B 308 20.35 19.43 -10.33
C VAL B 308 19.36 19.83 -9.23
N CYS B 309 18.56 18.85 -8.79
CA CYS B 309 17.51 19.13 -7.84
C CYS B 309 17.39 18.05 -6.78
N ASN B 310 17.27 18.49 -5.51
CA ASN B 310 17.04 17.56 -4.41
C ASN B 310 15.60 17.66 -4.02
N MET B 311 14.89 16.53 -4.09
CA MET B 311 13.48 16.45 -3.69
C MET B 311 13.32 15.46 -2.52
N GLY B 312 14.43 15.09 -1.91
CA GLY B 312 14.44 14.20 -0.76
C GLY B 312 14.64 14.96 0.53
N HIS B 313 15.66 14.60 1.30
CA HIS B 313 15.93 15.22 2.59
C HIS B 313 17.26 16.03 2.63
N SER B 314 17.39 16.88 3.70
CA SER B 314 18.59 17.65 4.07
C SER B 314 19.24 18.30 2.82
N ASN B 315 20.56 18.20 2.69
CA ASN B 315 21.32 18.73 1.54
C ASN B 315 22.52 17.85 1.35
N THR B 316 22.35 16.55 1.65
CA THR B 316 23.45 15.57 1.60
C THR B 316 23.25 14.52 0.47
N GLU B 317 22.06 14.50 -0.16
CA GLU B 317 21.67 13.63 -1.31
C GLU B 317 22.58 13.89 -2.52
N ILE B 318 22.95 15.17 -2.70
CA ILE B 318 23.89 15.70 -3.68
C ILE B 318 25.10 16.19 -2.87
N ASP B 319 26.32 15.78 -3.22
CA ASP B 319 27.46 16.27 -2.47
C ASP B 319 27.84 17.69 -2.95
N VAL B 320 27.09 18.67 -2.43
CA VAL B 320 27.22 20.11 -2.68
C VAL B 320 28.52 20.64 -2.03
N THR B 321 28.93 20.03 -0.89
CA THR B 321 30.15 20.40 -0.13
C THR B 321 31.42 20.11 -0.97
N SER B 322 31.34 19.22 -1.97
CA SER B 322 32.47 18.91 -2.84
C SER B 322 32.58 19.95 -3.98
N LEU B 323 31.61 20.86 -4.10
CA LEU B 323 31.64 21.91 -5.13
C LEU B 323 32.11 23.29 -4.57
N ARG B 324 32.61 23.32 -3.32
CA ARG B 324 33.10 24.55 -2.67
C ARG B 324 34.61 24.72 -2.87
N THR B 325 35.28 23.71 -3.50
CA THR B 325 36.73 23.64 -3.79
C THR B 325 37.18 24.86 -4.65
N PRO B 326 38.49 25.24 -4.70
CA PRO B 326 38.86 26.53 -5.32
C PRO B 326 38.77 26.68 -6.84
N GLU B 327 38.82 25.58 -7.62
CA GLU B 327 38.75 25.67 -9.09
C GLU B 327 37.33 26.08 -9.57
N LEU B 328 36.26 25.73 -8.83
CA LEU B 328 34.90 26.05 -9.24
C LEU B 328 34.48 27.45 -8.81
N THR B 329 33.62 28.10 -9.60
CA THR B 329 33.06 29.42 -9.28
C THR B 329 31.52 29.33 -9.25
N TRP B 330 30.92 30.06 -8.32
CA TRP B 330 29.50 30.14 -8.10
C TRP B 330 28.96 31.49 -8.53
N GLU B 331 27.93 31.48 -9.39
CA GLU B 331 27.23 32.68 -9.87
C GLU B 331 25.73 32.56 -9.53
N ARG B 332 25.21 33.50 -8.71
CA ARG B 332 23.82 33.48 -8.31
C ARG B 332 22.95 34.05 -9.44
N VAL B 333 22.14 33.18 -10.09
CA VAL B 333 21.25 33.55 -11.20
C VAL B 333 20.06 34.35 -10.70
N ARG B 334 19.31 33.75 -9.79
CA ARG B 334 18.09 34.26 -9.16
C ARG B 334 18.03 33.72 -7.75
N SER B 335 16.91 33.92 -7.08
CA SER B 335 16.72 33.34 -5.77
C SER B 335 16.64 31.81 -5.90
N GLN B 336 17.42 31.11 -5.05
CA GLN B 336 17.43 29.64 -4.98
C GLN B 336 17.99 28.95 -6.25
N VAL B 337 18.74 29.66 -7.10
CA VAL B 337 19.35 29.11 -8.32
C VAL B 337 20.79 29.66 -8.44
N ASP B 338 21.79 28.77 -8.35
CA ASP B 338 23.20 29.12 -8.54
C ASP B 338 23.73 28.38 -9.71
N HIS B 339 24.66 29.00 -10.44
CA HIS B 339 25.39 28.33 -11.51
C HIS B 339 26.76 27.95 -10.96
N VAL B 340 27.09 26.67 -10.95
CA VAL B 340 28.42 26.22 -10.52
C VAL B 340 29.23 25.98 -11.80
N ILE B 341 30.19 26.84 -12.08
CA ILE B 341 30.99 26.81 -13.31
C ILE B 341 32.37 26.10 -13.11
N TRP B 342 32.68 25.17 -14.03
CA TRP B 342 33.94 24.42 -14.09
C TRP B 342 34.93 25.20 -14.98
N PRO B 343 36.27 25.04 -14.81
CA PRO B 343 37.23 25.82 -15.64
C PRO B 343 37.06 25.65 -17.16
N ASP B 344 36.56 24.49 -17.64
CA ASP B 344 36.31 24.23 -19.07
C ASP B 344 35.03 24.98 -19.60
N GLY B 345 34.40 25.82 -18.79
CA GLY B 345 33.21 26.58 -19.17
C GLY B 345 31.88 25.88 -18.87
N LYS B 346 31.93 24.58 -18.54
CA LYS B 346 30.74 23.82 -18.21
C LYS B 346 30.09 24.35 -16.93
N ARG B 347 28.76 24.47 -16.95
CA ARG B 347 27.99 24.95 -15.81
C ARG B 347 26.83 24.02 -15.54
N VAL B 348 26.51 23.84 -14.26
CA VAL B 348 25.36 23.06 -13.83
C VAL B 348 24.42 24.02 -13.09
N VAL B 349 23.13 23.86 -13.34
CA VAL B 349 22.12 24.68 -12.69
C VAL B 349 21.78 23.97 -11.37
N LEU B 350 22.36 24.47 -10.26
CA LEU B 350 22.09 23.89 -8.94
C LEU B 350 20.97 24.68 -8.25
N LEU B 351 19.87 24.00 -7.92
CA LEU B 351 18.73 24.60 -7.24
C LEU B 351 18.79 24.44 -5.71
N ALA B 352 18.65 25.57 -4.99
CA ALA B 352 18.59 25.72 -3.52
C ALA B 352 19.76 25.06 -2.76
N GLU B 353 20.99 25.11 -3.33
CA GLU B 353 22.21 24.55 -2.72
C GLU B 353 22.03 23.10 -2.21
N GLY B 354 21.32 22.28 -2.98
CA GLY B 354 21.08 20.88 -2.64
C GLY B 354 19.98 20.68 -1.63
N ARG B 355 19.40 21.77 -1.12
CA ARG B 355 18.29 21.71 -0.17
C ARG B 355 16.97 21.51 -0.92
N LEU B 356 15.94 21.00 -0.22
CA LEU B 356 14.59 20.83 -0.77
C LEU B 356 14.05 22.24 -1.02
N LEU B 357 13.60 22.50 -2.25
CA LEU B 357 13.14 23.81 -2.68
C LEU B 357 12.09 24.45 -1.77
N ASN B 358 11.01 23.73 -1.38
CA ASN B 358 9.92 24.17 -0.47
C ASN B 358 9.80 25.71 -0.31
N THR B 363 3.76 27.04 3.35
CA THR B 363 2.54 26.81 4.14
C THR B 363 1.77 25.59 3.61
N VAL B 364 1.54 24.60 4.49
CA VAL B 364 0.83 23.37 4.16
C VAL B 364 -0.69 23.66 4.08
N PRO B 365 -1.42 23.20 3.05
CA PRO B 365 -2.87 23.49 2.98
C PRO B 365 -3.62 23.12 4.27
N THR B 366 -4.62 23.95 4.65
CA THR B 366 -5.44 23.77 5.85
C THR B 366 -6.15 22.38 5.86
N PHE B 367 -6.50 21.83 4.68
CA PHE B 367 -7.15 20.51 4.64
C PHE B 367 -6.16 19.40 4.99
N VAL B 368 -4.85 19.57 4.62
CA VAL B 368 -3.81 18.60 4.96
C VAL B 368 -3.58 18.62 6.48
N LEU B 369 -3.46 19.82 7.09
CA LEU B 369 -3.23 19.98 8.52
C LEU B 369 -4.36 19.41 9.32
N SER B 370 -5.61 19.55 8.82
CA SER B 370 -6.85 19.05 9.43
C SER B 370 -6.77 17.53 9.56
N ILE B 371 -6.25 16.83 8.52
CA ILE B 371 -6.07 15.36 8.48
C ILE B 371 -5.04 14.96 9.53
N THR B 372 -3.92 15.70 9.60
CA THR B 372 -2.85 15.45 10.55
C THR B 372 -3.35 15.72 12.00
N ALA B 373 -3.97 16.91 12.24
CA ALA B 373 -4.50 17.35 13.52
C ALA B 373 -5.50 16.33 14.10
N THR B 374 -6.41 15.78 13.29
CA THR B 374 -7.38 14.76 13.68
C THR B 374 -6.66 13.46 14.08
N THR B 375 -5.65 13.05 13.28
CA THR B 375 -4.84 11.85 13.53
C THR B 375 -4.11 12.01 14.87
N GLN B 376 -3.49 13.20 15.09
CA GLN B 376 -2.80 13.54 16.33
C GLN B 376 -3.75 13.53 17.52
N ALA B 377 -4.93 14.18 17.37
CA ALA B 377 -5.95 14.27 18.42
C ALA B 377 -6.42 12.89 18.85
N LEU B 378 -6.72 12.00 17.86
CA LEU B 378 -7.19 10.63 18.11
C LEU B 378 -6.08 9.70 18.63
N ALA B 379 -4.81 9.98 18.26
CA ALA B 379 -3.65 9.22 18.72
C ALA B 379 -3.42 9.45 20.21
N LEU B 380 -3.78 10.66 20.68
CA LEU B 380 -3.67 11.07 22.08
C LEU B 380 -4.79 10.45 22.90
N ILE B 381 -6.02 10.39 22.34
CA ILE B 381 -7.21 9.81 22.97
C ILE B 381 -7.02 8.27 23.10
N GLU B 382 -6.38 7.65 22.11
CA GLU B 382 -6.15 6.21 22.05
C GLU B 382 -5.06 5.77 23.07
N LEU B 383 -3.88 6.45 23.08
CA LEU B 383 -2.78 6.09 23.99
C LEU B 383 -3.09 6.44 25.46
N TYR B 384 -3.83 7.55 25.69
CA TYR B 384 -4.22 8.00 27.02
C TYR B 384 -5.18 7.01 27.69
N ASN B 385 -6.21 6.56 26.94
CA ASN B 385 -7.23 5.64 27.44
C ASN B 385 -6.90 4.16 27.14
N ALA B 386 -5.67 3.86 26.68
CA ALA B 386 -5.20 2.50 26.36
C ALA B 386 -5.04 1.63 27.62
N PRO B 387 -5.46 0.33 27.60
CA PRO B 387 -5.30 -0.51 28.80
C PRO B 387 -3.86 -1.00 28.97
N GLU B 388 -3.48 -1.40 30.20
CA GLU B 388 -2.11 -1.88 30.46
C GLU B 388 -1.96 -3.35 30.00
N GLY B 389 -1.63 -3.49 28.71
CA GLY B 389 -1.43 -4.77 28.05
C GLY B 389 -1.64 -4.73 26.55
N ARG B 390 -2.24 -3.62 26.06
CA ARG B 390 -2.53 -3.41 24.64
C ARG B 390 -1.26 -2.98 23.90
N TYR B 391 -0.54 -1.97 24.43
CA TYR B 391 0.68 -1.46 23.79
C TYR B 391 1.90 -1.68 24.66
N LYS B 392 2.89 -2.41 24.11
CA LYS B 392 4.17 -2.70 24.76
C LYS B 392 5.14 -1.52 24.56
N GLN B 393 6.44 -1.75 24.81
CA GLN B 393 7.48 -0.72 24.66
C GLN B 393 7.98 -0.70 23.21
N ASP B 394 7.10 -0.25 22.29
CA ASP B 394 7.39 -0.22 20.86
C ASP B 394 6.61 0.91 20.16
N VAL B 395 7.00 1.23 18.91
CA VAL B 395 6.37 2.24 18.07
C VAL B 395 5.25 1.55 17.28
N TYR B 396 4.05 2.18 17.27
CA TYR B 396 2.85 1.68 16.61
C TYR B 396 2.23 2.70 15.67
N LEU B 397 1.34 2.23 14.78
CA LEU B 397 0.52 3.04 13.89
C LEU B 397 -0.85 3.21 14.51
N LEU B 398 -1.59 4.25 14.12
CA LEU B 398 -2.94 4.54 14.64
C LEU B 398 -3.89 3.37 14.30
N PRO B 399 -4.72 2.89 15.28
CA PRO B 399 -5.67 1.79 15.00
C PRO B 399 -6.53 2.02 13.74
N LYS B 400 -6.90 0.93 13.02
CA LYS B 400 -7.67 0.99 11.78
C LYS B 400 -9.00 1.72 11.93
N LYS B 401 -9.78 1.43 13.00
CA LYS B 401 -11.07 2.09 13.22
C LYS B 401 -10.90 3.59 13.48
N MET B 402 -9.78 3.97 14.16
CA MET B 402 -9.39 5.36 14.45
C MET B 402 -8.99 6.06 13.17
N ASP B 403 -8.31 5.34 12.25
CA ASP B 403 -7.89 5.80 10.92
C ASP B 403 -9.13 6.08 10.05
N GLU B 404 -10.16 5.21 10.19
CA GLU B 404 -11.45 5.32 9.52
C GLU B 404 -12.20 6.54 10.03
N TYR B 405 -12.12 6.80 11.36
CA TYR B 405 -12.76 7.95 11.99
C TYR B 405 -12.19 9.27 11.45
N VAL B 406 -10.85 9.32 11.21
CA VAL B 406 -10.14 10.47 10.64
C VAL B 406 -10.71 10.80 9.25
N ALA B 407 -10.89 9.76 8.42
CA ALA B 407 -11.40 9.85 7.06
C ALA B 407 -12.87 10.28 7.04
N SER B 408 -13.70 9.65 7.92
CA SER B 408 -15.13 9.93 8.06
C SER B 408 -15.42 11.40 8.40
N LEU B 409 -14.63 12.00 9.32
CA LEU B 409 -14.76 13.39 9.76
C LEU B 409 -14.47 14.42 8.65
N HIS B 410 -13.84 13.98 7.52
CA HIS B 410 -13.47 14.84 6.39
C HIS B 410 -14.36 14.66 5.20
N LEU B 411 -15.17 13.59 5.22
CA LEU B 411 -16.14 13.25 4.19
C LEU B 411 -17.23 14.35 4.00
N PRO B 412 -17.87 14.95 5.05
CA PRO B 412 -18.88 15.99 4.79
C PRO B 412 -18.36 17.20 4.00
N SER B 413 -17.02 17.46 4.01
CA SER B 413 -16.42 18.56 3.23
C SER B 413 -16.65 18.37 1.72
N PHE B 414 -16.94 17.12 1.27
CA PHE B 414 -17.19 16.73 -0.13
C PHE B 414 -18.65 16.37 -0.37
N ASP B 415 -19.47 16.39 0.70
CA ASP B 415 -20.87 15.98 0.69
C ASP B 415 -20.94 14.50 0.21
N ALA B 416 -19.96 13.70 0.66
CA ALA B 416 -19.80 12.27 0.37
C ALA B 416 -20.78 11.46 1.19
N HIS B 417 -21.57 10.61 0.54
CA HIS B 417 -22.56 9.78 1.22
C HIS B 417 -22.07 8.35 1.33
N LEU B 418 -21.53 8.01 2.50
CA LEU B 418 -21.01 6.69 2.80
C LEU B 418 -22.15 5.70 2.94
N THR B 419 -21.98 4.49 2.40
CA THR B 419 -22.95 3.41 2.48
C THR B 419 -22.75 2.66 3.81
N GLU B 420 -23.87 2.32 4.47
CA GLU B 420 -23.86 1.53 5.69
C GLU B 420 -24.13 0.07 5.31
N LEU B 421 -23.32 -0.85 5.85
CA LEU B 421 -23.47 -2.29 5.64
C LEU B 421 -24.78 -2.75 6.21
N ALA B 422 -25.50 -3.57 5.44
CA ALA B 422 -26.77 -4.18 5.86
C ALA B 422 -26.44 -5.29 6.85
N ASP B 423 -27.40 -5.68 7.71
CA ASP B 423 -27.14 -6.70 8.71
C ASP B 423 -26.59 -8.01 8.10
N ASP B 424 -27.15 -8.46 6.96
CA ASP B 424 -26.69 -9.68 6.30
C ASP B 424 -25.36 -9.47 5.57
N GLN B 425 -25.12 -8.25 5.05
CA GLN B 425 -23.88 -7.87 4.37
C GLN B 425 -22.70 -7.94 5.32
N ALA B 426 -22.82 -7.29 6.51
CA ALA B 426 -21.83 -7.27 7.59
C ALA B 426 -21.62 -8.68 8.15
N LYS B 427 -22.63 -9.54 8.04
CA LYS B 427 -22.59 -10.94 8.43
C LYS B 427 -21.82 -11.76 7.39
N TYR B 428 -21.95 -11.42 6.07
CA TYR B 428 -21.31 -12.10 4.94
C TYR B 428 -19.80 -11.94 5.05
N LEU B 429 -19.30 -10.71 4.96
CA LEU B 429 -17.90 -10.35 5.23
C LEU B 429 -17.76 -10.44 6.75
N GLY B 430 -16.67 -11.01 7.25
CA GLY B 430 -16.52 -11.17 8.71
C GLY B 430 -16.15 -9.88 9.43
N LEU B 431 -17.05 -8.87 9.42
CA LEU B 431 -16.79 -7.55 10.06
C LEU B 431 -18.05 -6.86 10.62
N ASN B 432 -17.80 -5.90 11.54
CA ASN B 432 -18.81 -5.08 12.21
C ASN B 432 -19.19 -3.87 11.34
N LYS B 433 -20.50 -3.47 11.39
CA LYS B 433 -21.13 -2.33 10.68
C LYS B 433 -20.37 -0.98 10.86
N ASN B 434 -19.43 -0.90 11.80
CA ASN B 434 -18.62 0.29 12.10
C ASN B 434 -17.13 -0.03 12.21
N GLY B 435 -16.81 -1.28 12.55
CA GLY B 435 -15.47 -1.78 12.82
C GLY B 435 -14.48 -1.70 11.68
N PRO B 436 -13.21 -2.14 11.90
CA PRO B 436 -12.20 -2.08 10.81
C PRO B 436 -12.66 -2.90 9.59
N PHE B 437 -12.73 -2.23 8.43
CA PHE B 437 -13.23 -2.83 7.20
C PHE B 437 -12.16 -3.59 6.43
N LYS B 438 -10.89 -3.37 6.76
CA LYS B 438 -9.79 -4.01 6.05
C LYS B 438 -8.88 -4.82 6.97
N PRO B 439 -8.16 -5.84 6.44
CA PRO B 439 -7.17 -6.54 7.28
C PRO B 439 -5.98 -5.61 7.59
N ASN B 440 -5.13 -5.98 8.58
CA ASN B 440 -3.98 -5.19 9.03
C ASN B 440 -2.93 -4.94 7.93
N TYR B 441 -2.73 -5.92 7.03
CA TYR B 441 -1.73 -5.84 5.95
C TYR B 441 -2.20 -5.03 4.74
N TYR B 442 -3.44 -4.48 4.77
CA TYR B 442 -4.04 -3.74 3.66
C TYR B 442 -3.21 -2.50 3.34
N ARG B 443 -2.95 -2.28 2.05
CA ARG B 443 -2.06 -1.21 1.59
C ARG B 443 -2.77 -0.01 1.00
N TYR B 444 -4.07 -0.16 0.69
CA TYR B 444 -4.94 0.87 0.11
C TYR B 444 -4.38 1.30 -1.25
#